data_7DNB
#
_entry.id   7DNB
#
_cell.length_a   46.400
_cell.length_b   119.640
_cell.length_c   65.260
_cell.angle_alpha   90.000
_cell.angle_beta   107.660
_cell.angle_gamma   90.000
#
_symmetry.space_group_name_H-M   'P 1 21 1'
#
loop_
_entity.id
_entity.type
_entity.pdbx_description
1 polymer 'PhoCl Barrel'
2 non-polymer 'SODIUM ION'
#
_entity_poly.entity_id   1
_entity_poly.type   'polypeptide(L)'
_entity_poly.pdbx_seq_one_letter_code
;VIPDYFKQSFPEGYSWERSMTYEDGGICIATNDITMEGDSFINKIHFKGTNFPPNGPVMQKRTVGWEASTEKMYERDGVL
KGDVKMKLLLKGGGHYRCDYRTTYKVKQKPVKLPDYHFVDHRIEILSHDKDYNKVKLYEHAVARNSTDSMDELYKGGSGG
MVSKGEETITSVIKPDMKNKLRMEGNVNGHAFVIEGEGSGKPFEGIQTIDLEVKEGAPLPFAYDILTTA(NFA)HYGNRV
FTKYPR
;
_entity_poly.pdbx_strand_id   C,A,B,D
#
loop_
_chem_comp.id
_chem_comp.type
_chem_comp.name
_chem_comp.formula
NA non-polymer 'SODIUM ION' 'Na 1'
#
# COMPACT_ATOMS: atom_id res chain seq x y z
N ASP A 4 13.52 4.25 24.98
CA ASP A 4 12.57 3.51 24.15
C ASP A 4 13.00 2.05 24.03
N TYR A 5 12.11 1.22 23.46
CA TYR A 5 12.31 -0.22 23.45
C TYR A 5 13.66 -0.62 22.87
N PHE A 6 14.21 0.18 21.95
CA PHE A 6 15.52 -0.10 21.40
C PHE A 6 16.66 0.39 22.28
N LYS A 7 16.38 1.26 23.25
CA LYS A 7 17.42 1.77 24.12
C LYS A 7 17.77 0.76 25.21
N GLN A 8 16.77 0.19 25.87
CA GLN A 8 16.98 -0.76 26.94
C GLN A 8 17.23 -2.18 26.43
N SER A 9 17.34 -2.36 25.12
CA SER A 9 17.56 -3.68 24.53
C SER A 9 19.04 -4.04 24.42
N PHE A 10 19.93 -3.14 24.80
CA PHE A 10 21.37 -3.30 24.67
C PHE A 10 22.01 -3.57 26.03
N PRO A 11 23.28 -4.02 26.06
CA PRO A 11 24.28 -4.21 25.00
C PRO A 11 24.12 -5.48 24.16
N GLU A 12 23.16 -6.33 24.51
CA GLU A 12 22.91 -7.54 23.74
C GLU A 12 22.49 -7.18 22.31
N GLY A 13 21.33 -6.55 22.17
CA GLY A 13 20.85 -6.09 20.89
C GLY A 13 19.44 -6.58 20.59
N TYR A 14 18.90 -6.10 19.47
CA TYR A 14 17.56 -6.46 19.04
C TYR A 14 17.58 -6.78 17.55
N SER A 15 16.40 -7.08 17.01
CA SER A 15 16.28 -7.51 15.62
C SER A 15 14.94 -7.05 15.06
N TRP A 16 14.87 -6.95 13.74
CA TRP A 16 13.61 -6.66 13.07
C TRP A 16 13.53 -7.40 11.75
N GLU A 17 12.30 -7.73 11.36
CA GLU A 17 11.99 -8.31 10.06
C GLU A 17 11.10 -7.35 9.31
N ARG A 18 11.47 -7.02 8.08
CA ARG A 18 10.82 -5.95 7.32
C ARG A 18 10.32 -6.48 5.99
N SER A 19 9.06 -6.21 5.68
CA SER A 19 8.47 -6.53 4.39
C SER A 19 8.17 -5.24 3.63
N MET A 20 8.51 -5.22 2.35
CA MET A 20 8.36 -4.03 1.51
C MET A 20 7.64 -4.43 0.23
N THR A 21 6.38 -3.99 0.10
CA THR A 21 5.52 -4.36 -1.02
C THR A 21 5.42 -3.17 -1.97
N TYR A 22 5.98 -3.31 -3.16
CA TYR A 22 5.97 -2.24 -4.14
C TYR A 22 4.75 -2.35 -5.06
N GLU A 23 4.48 -1.26 -5.78
CA GLU A 23 3.25 -1.15 -6.56
C GLU A 23 3.25 -2.06 -7.78
N ASP A 24 4.43 -2.36 -8.33
CA ASP A 24 4.55 -3.12 -9.57
C ASP A 24 4.83 -4.60 -9.34
N GLY A 25 4.38 -5.15 -8.20
CA GLY A 25 4.56 -6.55 -7.90
C GLY A 25 5.87 -6.90 -7.22
N GLY A 26 6.88 -6.06 -7.36
CA GLY A 26 8.14 -6.33 -6.68
C GLY A 26 7.98 -6.23 -5.17
N ILE A 27 8.56 -7.20 -4.47
CA ILE A 27 8.47 -7.30 -3.02
C ILE A 27 9.84 -7.60 -2.45
N CYS A 28 10.14 -7.03 -1.28
CA CYS A 28 11.41 -7.23 -0.60
C CYS A 28 11.16 -7.62 0.85
N ILE A 29 12.00 -8.53 1.35
CA ILE A 29 11.99 -8.92 2.76
C ILE A 29 13.42 -8.85 3.27
N ALA A 30 13.61 -8.21 4.42
CA ALA A 30 14.94 -8.03 5.01
C ALA A 30 14.86 -8.25 6.50
N THR A 31 15.87 -8.94 7.04
CA THR A 31 15.99 -9.19 8.46
C THR A 31 17.31 -8.61 8.96
N ASN A 32 17.28 -8.00 10.15
CA ASN A 32 18.45 -7.40 10.75
C ASN A 32 18.70 -8.04 12.12
N ASP A 33 19.97 -8.10 12.49
CA ASP A 33 20.39 -8.54 13.82
C ASP A 33 21.41 -7.52 14.32
N ILE A 34 20.95 -6.61 15.18
CA ILE A 34 21.77 -5.51 15.68
C ILE A 34 22.35 -5.90 17.03
N THR A 35 23.63 -5.61 17.23
CA THR A 35 24.31 -5.93 18.47
C THR A 35 25.40 -4.90 18.72
N MET A 36 25.83 -4.81 19.97
CA MET A 36 26.85 -3.86 20.38
C MET A 36 28.18 -4.56 20.58
N GLU A 37 29.25 -3.95 20.07
CA GLU A 37 30.59 -4.51 20.17
C GLU A 37 31.63 -3.40 20.25
N SER A 40 30.20 0.35 19.99
CA SER A 40 29.89 0.39 18.57
C SER A 40 28.68 -0.48 18.25
N PHE A 41 27.85 -0.01 17.32
CA PHE A 41 26.68 -0.76 16.87
C PHE A 41 27.03 -1.58 15.65
N ILE A 42 26.75 -2.87 15.70
CA ILE A 42 27.03 -3.80 14.61
C ILE A 42 25.69 -4.24 14.00
N ASN A 43 25.59 -4.15 12.68
CA ASN A 43 24.37 -4.48 11.97
C ASN A 43 24.67 -5.52 10.90
N LYS A 44 23.92 -6.62 10.92
CA LYS A 44 24.00 -7.66 9.90
C LYS A 44 22.62 -7.86 9.32
N ILE A 45 22.48 -7.58 8.02
CA ILE A 45 21.18 -7.60 7.36
C ILE A 45 21.25 -8.48 6.12
N HIS A 46 20.23 -9.31 5.93
CA HIS A 46 20.07 -10.11 4.73
C HIS A 46 18.87 -9.58 3.97
N PHE A 47 19.09 -9.13 2.73
CA PHE A 47 18.09 -8.46 1.92
C PHE A 47 17.76 -9.33 0.72
N LYS A 48 16.48 -9.36 0.34
CA LYS A 48 16.08 -10.11 -0.84
C LYS A 48 14.84 -9.47 -1.46
N GLY A 49 14.90 -9.25 -2.76
CA GLY A 49 13.75 -8.73 -3.49
C GLY A 49 13.46 -9.62 -4.71
N THR A 50 12.18 -9.76 -5.00
CA THR A 50 11.74 -10.67 -6.06
C THR A 50 10.69 -10.01 -6.94
N ASN A 51 10.60 -10.52 -8.17
CA ASN A 51 9.54 -10.17 -9.12
C ASN A 51 9.51 -8.69 -9.45
N PHE A 52 10.67 -8.03 -9.43
CA PHE A 52 10.74 -6.66 -9.90
C PHE A 52 10.74 -6.67 -11.42
N PRO A 53 9.79 -5.98 -12.07
CA PRO A 53 9.69 -6.03 -13.54
C PRO A 53 10.97 -5.53 -14.18
N PRO A 54 11.44 -6.21 -15.23
CA PRO A 54 12.66 -5.74 -15.91
C PRO A 54 12.48 -4.40 -16.60
N ASN A 55 11.26 -4.04 -16.98
CA ASN A 55 10.97 -2.74 -17.55
C ASN A 55 10.52 -1.72 -16.51
N GLY A 56 10.49 -2.11 -15.23
CA GLY A 56 10.10 -1.21 -14.18
C GLY A 56 11.19 -0.24 -13.81
N PRO A 57 10.86 0.67 -12.89
CA PRO A 57 11.84 1.70 -12.53
C PRO A 57 12.99 1.19 -11.67
N VAL A 58 12.76 0.18 -10.83
CA VAL A 58 13.79 -0.28 -9.90
C VAL A 58 14.94 -0.92 -10.66
N MET A 59 14.63 -1.94 -11.47
CA MET A 59 15.68 -2.64 -12.20
C MET A 59 16.32 -1.81 -13.30
N GLN A 60 15.74 -0.65 -13.62
CA GLN A 60 16.30 0.23 -14.64
C GLN A 60 16.83 1.53 -14.04
N LYS A 61 16.84 1.65 -12.71
CA LYS A 61 17.40 2.80 -12.01
C LYS A 61 16.76 4.11 -12.48
N ARG A 62 15.46 4.21 -12.23
CA ARG A 62 14.68 5.41 -12.55
C ARG A 62 14.11 6.05 -11.29
N THR A 63 14.82 5.90 -10.17
CA THR A 63 14.40 6.47 -8.90
C THR A 63 15.47 7.42 -8.38
N VAL A 64 15.04 8.38 -7.55
CA VAL A 64 15.95 9.39 -7.04
C VAL A 64 15.67 9.67 -5.57
N GLY A 65 15.63 8.62 -4.76
CA GLY A 65 15.50 8.78 -3.32
C GLY A 65 14.06 8.78 -2.85
N TRP A 66 13.91 8.48 -1.55
CA TRP A 66 12.60 8.40 -0.93
C TRP A 66 12.16 9.77 -0.40
N GLU A 67 10.85 9.94 -0.31
CA GLU A 67 10.27 11.15 0.26
C GLU A 67 10.17 11.02 1.78
N ALA A 68 9.95 12.16 2.44
CA ALA A 68 9.78 12.16 3.88
C ALA A 68 8.54 11.36 4.26
N SER A 69 8.65 10.62 5.37
CA SER A 69 7.61 9.67 5.76
C SER A 69 7.49 9.64 7.28
N THR A 70 6.37 9.10 7.75
CA THR A 70 6.08 8.98 9.17
C THR A 70 5.62 7.55 9.47
N GLU A 71 6.47 6.77 10.11
CA GLU A 71 6.12 5.42 10.52
C GLU A 71 5.32 5.46 11.82
N LYS A 72 4.29 4.62 11.92
CA LYS A 72 3.49 4.49 13.13
C LYS A 72 3.77 3.15 13.78
N MET A 73 4.17 3.16 15.04
CA MET A 73 4.45 1.96 15.81
C MET A 73 3.28 1.63 16.73
N TYR A 74 3.11 0.35 17.00
CA TYR A 74 1.98 -0.13 17.81
C TYR A 74 2.30 -1.52 18.32
N GLU A 75 1.36 -2.08 19.08
CA GLU A 75 1.46 -3.42 19.62
C GLU A 75 0.45 -4.32 18.91
N ARG A 76 0.90 -5.50 18.48
CA ARG A 76 0.02 -6.43 17.79
C ARG A 76 -0.51 -7.49 18.75
N ASP A 77 -0.13 -8.75 18.53
CA ASP A 77 -0.47 -9.82 19.45
C ASP A 77 0.18 -9.56 20.79
N GLY A 78 1.51 -9.67 20.83
CA GLY A 78 2.30 -9.22 21.94
C GLY A 78 3.57 -8.60 21.40
N VAL A 79 3.56 -8.32 20.10
CA VAL A 79 4.73 -7.90 19.37
C VAL A 79 4.65 -6.40 19.10
N LEU A 80 5.81 -5.80 18.85
CA LEU A 80 5.91 -4.39 18.47
C LEU A 80 6.04 -4.32 16.96
N LYS A 81 5.03 -3.75 16.32
CA LYS A 81 4.98 -3.62 14.86
C LYS A 81 5.10 -2.16 14.45
N GLY A 82 5.37 -1.95 13.16
CA GLY A 82 5.51 -0.62 12.62
C GLY A 82 5.04 -0.48 11.20
N ASP A 83 3.86 0.10 11.01
CA ASP A 83 3.30 0.31 9.68
C ASP A 83 3.75 1.65 9.11
N VAL A 84 3.92 1.68 7.79
CA VAL A 84 4.06 2.94 7.04
C VAL A 84 4.05 2.67 5.54
N LYS A 85 3.33 3.50 4.80
CA LYS A 85 3.36 3.48 3.34
C LYS A 85 4.25 4.62 2.87
N MET A 86 5.28 4.29 2.10
CA MET A 86 6.23 5.27 1.60
C MET A 86 6.03 5.48 0.11
N LYS A 87 6.53 6.62 -0.38
CA LYS A 87 6.44 6.99 -1.78
C LYS A 87 7.86 7.23 -2.30
N LEU A 88 8.28 6.41 -3.25
CA LEU A 88 9.58 6.56 -3.90
C LEU A 88 9.40 7.45 -5.14
N LEU A 89 10.12 8.56 -5.19
CA LEU A 89 10.01 9.48 -6.30
C LEU A 89 10.84 8.99 -7.48
N LEU A 90 10.20 8.92 -8.65
CA LEU A 90 10.87 8.45 -9.85
C LEU A 90 11.75 9.54 -10.45
N LYS A 91 12.61 9.13 -11.39
CA LYS A 91 13.37 10.11 -12.17
C LYS A 91 12.41 11.02 -12.94
N GLY A 92 11.47 10.44 -13.66
CA GLY A 92 10.33 11.19 -14.13
C GLY A 92 9.48 11.69 -12.98
N GLY A 93 8.67 12.70 -13.26
CA GLY A 93 7.91 13.38 -12.22
C GLY A 93 6.99 12.49 -11.41
N GLY A 94 6.70 11.29 -11.87
CA GLY A 94 5.76 10.42 -11.19
C GLY A 94 6.27 9.91 -9.86
N HIS A 95 5.38 9.21 -9.16
CA HIS A 95 5.69 8.60 -7.87
C HIS A 95 5.64 7.09 -7.98
N TYR A 96 6.23 6.42 -6.99
CA TYR A 96 6.31 4.95 -6.95
C TYR A 96 6.06 4.53 -5.51
N ARG A 97 4.82 4.13 -5.21
CA ARG A 97 4.44 3.81 -3.84
C ARG A 97 4.98 2.45 -3.43
N CYS A 98 5.05 2.25 -2.11
CA CYS A 98 5.56 1.00 -1.53
C CYS A 98 5.15 0.95 -0.07
N ASP A 99 4.59 -0.18 0.36
CA ASP A 99 4.13 -0.36 1.72
C ASP A 99 5.19 -1.07 2.55
N TYR A 100 5.38 -0.60 3.78
CA TYR A 100 6.35 -1.16 4.71
C TYR A 100 5.61 -1.77 5.89
N ARG A 101 5.84 -3.07 6.13
CA ARG A 101 5.28 -3.77 7.28
C ARG A 101 6.46 -4.43 7.99
N THR A 102 6.86 -3.88 9.13
CA THR A 102 8.06 -4.31 9.84
C THR A 102 7.71 -4.79 11.24
N THR A 103 8.39 -5.85 11.68
CA THR A 103 8.19 -6.44 12.99
C THR A 103 9.50 -6.28 13.79
N TYR A 104 9.46 -5.45 14.83
CA TYR A 104 10.63 -5.20 15.66
C TYR A 104 10.64 -6.21 16.80
N LYS A 105 11.60 -7.13 16.77
CA LYS A 105 11.74 -8.15 17.81
C LYS A 105 12.82 -7.71 18.78
N VAL A 106 12.45 -6.76 19.63
CA VAL A 106 13.36 -6.30 20.68
C VAL A 106 13.37 -7.31 21.82
N LYS A 107 14.50 -7.40 22.51
CA LYS A 107 14.66 -8.41 23.54
C LYS A 107 13.65 -8.20 24.68
N GLN A 108 13.36 -6.95 25.01
CA GLN A 108 12.45 -6.64 26.11
C GLN A 108 11.01 -7.00 25.76
N LYS A 109 10.76 -8.27 25.46
CA LYS A 109 9.43 -8.73 25.09
C LYS A 109 8.51 -8.83 26.31
N LEU A 113 2.82 0.77 24.10
CA LEU A 113 2.00 -0.43 24.15
C LEU A 113 0.49 -0.16 23.99
N PRO A 114 -0.09 0.78 24.79
CA PRO A 114 -1.55 0.99 24.70
C PRO A 114 -1.94 1.96 23.59
N ASP A 115 -1.21 3.06 23.46
CA ASP A 115 -1.54 4.08 22.47
C ASP A 115 -0.78 3.81 21.18
N TYR A 116 -0.74 4.80 20.29
CA TYR A 116 0.08 4.76 19.09
C TYR A 116 1.38 5.52 19.33
N HIS A 117 2.31 5.37 18.40
CA HIS A 117 3.58 6.09 18.46
C HIS A 117 4.11 6.27 17.05
N PHE A 118 4.37 7.51 16.67
CA PHE A 118 4.75 7.85 15.32
C PHE A 118 6.21 8.29 15.27
N VAL A 119 6.90 7.93 14.20
CA VAL A 119 8.29 8.31 13.97
C VAL A 119 8.41 8.87 12.57
N ASP A 120 8.88 10.11 12.46
CA ASP A 120 9.10 10.73 11.16
C ASP A 120 10.45 10.28 10.61
N HIS A 121 10.47 9.88 9.34
CA HIS A 121 11.66 9.37 8.69
C HIS A 121 12.02 10.23 7.48
N ARG A 122 13.31 10.47 7.31
CA ARG A 122 13.82 11.20 6.15
C ARG A 122 15.14 10.58 5.74
N ILE A 123 15.18 10.02 4.53
CA ILE A 123 16.37 9.36 4.00
C ILE A 123 16.74 10.00 2.67
N GLU A 124 18.02 10.32 2.51
CA GLU A 124 18.49 10.97 1.29
C GLU A 124 19.90 10.48 0.97
N ILE A 125 20.24 10.51 -0.31
CA ILE A 125 21.58 10.19 -0.78
C ILE A 125 22.28 11.52 -1.03
N LEU A 126 23.09 11.95 -0.06
CA LEU A 126 23.77 13.24 -0.16
C LEU A 126 24.69 13.30 -1.37
N SER A 127 25.51 12.28 -1.54
CA SER A 127 26.36 12.15 -2.72
C SER A 127 26.75 10.69 -2.89
N HIS A 128 27.12 10.34 -4.11
CA HIS A 128 27.42 8.95 -4.43
C HIS A 128 28.33 8.91 -5.64
N ASP A 129 29.22 7.93 -5.66
CA ASP A 129 30.03 7.70 -6.84
C ASP A 129 29.14 7.20 -7.98
N LYS A 130 29.66 7.34 -9.21
CA LYS A 130 28.95 6.82 -10.37
C LYS A 130 28.78 5.31 -10.23
N ASP A 131 27.62 4.81 -10.66
CA ASP A 131 27.19 3.42 -10.50
C ASP A 131 26.93 3.06 -9.04
N TYR A 132 26.97 4.04 -8.14
CA TYR A 132 26.60 3.86 -6.73
C TYR A 132 27.48 2.82 -6.03
N ASN A 133 28.76 2.78 -6.41
CA ASN A 133 29.71 1.94 -5.69
C ASN A 133 29.93 2.47 -4.27
N LYS A 134 30.49 3.67 -4.17
CA LYS A 134 30.64 4.35 -2.89
C LYS A 134 29.50 5.35 -2.73
N VAL A 135 28.77 5.24 -1.61
CA VAL A 135 27.58 6.04 -1.38
C VAL A 135 27.63 6.59 0.04
N LYS A 136 27.21 7.85 0.20
CA LYS A 136 27.06 8.47 1.50
C LYS A 136 25.57 8.74 1.73
N LEU A 137 25.07 8.30 2.89
CA LEU A 137 23.64 8.36 3.19
C LEU A 137 23.40 9.18 4.45
N TYR A 138 22.23 9.81 4.52
CA TYR A 138 21.80 10.58 5.68
C TYR A 138 20.44 10.08 6.12
N GLU A 139 20.36 9.62 7.37
CA GLU A 139 19.12 9.07 7.92
C GLU A 139 18.65 9.94 9.09
N HIS A 140 17.34 10.11 9.21
CA HIS A 140 16.73 10.98 10.21
C HIS A 140 15.48 10.31 10.74
N ALA A 141 15.47 9.99 12.03
CA ALA A 141 14.33 9.36 12.69
C ALA A 141 14.01 10.13 13.96
N VAL A 142 12.79 10.66 14.04
CA VAL A 142 12.37 11.55 15.13
C VAL A 142 11.06 11.04 15.71
N ALA A 143 10.98 10.99 17.04
CA ALA A 143 9.77 10.60 17.74
C ALA A 143 8.84 11.80 17.91
N ARG A 144 7.61 11.52 18.30
CA ARG A 144 6.61 12.57 18.50
C ARG A 144 5.83 12.35 19.79
N MET A 177 27.75 7.62 18.97
CA MET A 177 28.59 6.43 18.82
C MET A 177 28.88 6.14 17.36
N LYS A 178 29.51 5.00 17.10
CA LYS A 178 29.82 4.54 15.76
C LYS A 178 28.92 3.35 15.41
N ASN A 179 28.65 3.19 14.12
CA ASN A 179 27.80 2.12 13.62
C ASN A 179 28.50 1.43 12.46
N LYS A 180 28.79 0.13 12.62
CA LYS A 180 29.34 -0.69 11.56
C LYS A 180 28.20 -1.48 10.92
N LEU A 181 28.15 -1.47 9.59
CA LEU A 181 27.05 -2.06 8.85
C LEU A 181 27.56 -3.00 7.78
N ARG A 182 26.86 -4.11 7.60
CA ARG A 182 27.19 -5.10 6.58
C ARG A 182 25.88 -5.72 6.07
N MET A 183 25.71 -5.70 4.76
CA MET A 183 24.50 -6.23 4.13
C MET A 183 24.89 -7.21 3.03
N GLU A 184 24.31 -8.40 3.09
CA GLU A 184 24.48 -9.42 2.04
C GLU A 184 23.09 -9.70 1.47
N GLY A 185 22.89 -9.34 0.21
CA GLY A 185 21.56 -9.38 -0.38
C GLY A 185 21.56 -9.98 -1.76
N ASN A 186 20.34 -10.14 -2.30
CA ASN A 186 20.13 -10.66 -3.64
C ASN A 186 18.84 -10.06 -4.17
N VAL A 187 18.90 -9.39 -5.31
CA VAL A 187 17.75 -8.73 -5.91
C VAL A 187 17.54 -9.29 -7.30
N ASN A 188 16.39 -9.92 -7.53
CA ASN A 188 16.01 -10.45 -8.84
C ASN A 188 17.05 -11.43 -9.36
N GLY A 189 17.65 -12.21 -8.47
CA GLY A 189 18.62 -13.21 -8.84
C GLY A 189 20.06 -12.74 -8.89
N HIS A 190 20.32 -11.47 -8.59
CA HIS A 190 21.68 -10.92 -8.59
C HIS A 190 22.11 -10.73 -7.14
N ALA A 191 23.11 -11.51 -6.73
CA ALA A 191 23.63 -11.40 -5.38
C ALA A 191 24.62 -10.24 -5.27
N PHE A 192 24.79 -9.74 -4.05
CA PHE A 192 25.67 -8.62 -3.78
C PHE A 192 25.89 -8.50 -2.29
N VAL A 193 26.92 -7.74 -1.92
CA VAL A 193 27.28 -7.52 -0.52
C VAL A 193 27.72 -6.07 -0.36
N ILE A 194 27.19 -5.39 0.65
CA ILE A 194 27.50 -3.98 0.91
C ILE A 194 28.05 -3.87 2.33
N GLU A 195 29.15 -3.15 2.48
CA GLU A 195 29.72 -2.82 3.78
C GLU A 195 29.64 -1.32 4.00
N GLY A 196 29.46 -0.91 5.25
CA GLY A 196 29.29 0.49 5.57
C GLY A 196 29.82 0.83 6.94
N GLU A 197 30.03 2.13 7.15
CA GLU A 197 30.47 2.68 8.43
C GLU A 197 29.75 4.01 8.64
N GLY A 198 29.30 4.23 9.88
CA GLY A 198 28.54 5.44 10.14
C GLY A 198 28.57 5.81 11.60
N SER A 199 27.95 6.95 11.91
CA SER A 199 27.89 7.49 13.25
C SER A 199 26.45 7.75 13.65
N GLY A 200 26.12 7.45 14.89
CA GLY A 200 24.80 7.70 15.44
C GLY A 200 24.05 6.40 15.70
N LYS A 201 22.92 6.56 16.42
CA LYS A 201 22.10 5.42 16.77
C LYS A 201 21.33 4.92 15.55
N PRO A 202 21.10 3.61 15.46
CA PRO A 202 20.40 3.05 14.30
C PRO A 202 18.89 2.91 14.46
N PHE A 203 18.31 3.43 15.54
CA PHE A 203 16.87 3.37 15.75
C PHE A 203 16.20 4.73 15.73
N GLU A 204 16.85 5.76 16.26
CA GLU A 204 16.29 7.10 16.25
C GLU A 204 17.42 8.11 16.21
N GLY A 205 17.07 9.35 15.88
CA GLY A 205 18.05 10.41 15.77
C GLY A 205 18.62 10.54 14.38
N ILE A 206 19.66 11.35 14.29
CA ILE A 206 20.35 11.60 13.03
C ILE A 206 21.47 10.58 12.86
N GLN A 207 21.66 10.13 11.62
CA GLN A 207 22.66 9.11 11.32
C GLN A 207 23.17 9.31 9.90
N THR A 208 24.50 9.30 9.75
CA THR A 208 25.14 9.42 8.45
C THR A 208 26.02 8.20 8.21
N ILE A 209 25.91 7.61 7.03
CA ILE A 209 26.63 6.39 6.68
C ILE A 209 27.46 6.62 5.43
N ASP A 210 28.60 5.92 5.37
CA ASP A 210 29.45 5.89 4.19
C ASP A 210 29.51 4.43 3.73
N LEU A 211 28.76 4.11 2.68
CA LEU A 211 28.62 2.75 2.19
C LEU A 211 29.49 2.51 0.97
N GLU A 212 29.77 1.23 0.72
CA GLU A 212 30.65 0.82 -0.37
C GLU A 212 30.33 -0.60 -0.77
N VAL A 213 30.12 -0.82 -2.07
CA VAL A 213 29.79 -2.15 -2.58
C VAL A 213 31.08 -2.95 -2.74
N LYS A 214 31.20 -4.05 -2.00
CA LYS A 214 32.42 -4.82 -2.02
C LYS A 214 32.34 -6.02 -2.95
N GLU A 215 31.21 -6.71 -2.98
CA GLU A 215 31.00 -7.82 -3.90
C GLU A 215 29.65 -7.65 -4.57
N GLY A 216 29.63 -7.71 -5.90
CA GLY A 216 28.42 -7.57 -6.68
C GLY A 216 28.37 -6.31 -7.53
N ALA A 217 29.34 -5.42 -7.42
CA ALA A 217 29.33 -4.21 -8.22
C ALA A 217 29.54 -4.54 -9.69
N PRO A 218 28.89 -3.80 -10.61
CA PRO A 218 27.93 -2.74 -10.31
C PRO A 218 26.51 -3.25 -10.11
N LEU A 219 25.76 -2.62 -9.23
CA LEU A 219 24.40 -3.06 -8.95
C LEU A 219 23.49 -2.72 -10.13
N PRO A 220 22.71 -3.68 -10.63
CA PRO A 220 21.82 -3.41 -11.77
C PRO A 220 20.43 -2.90 -11.39
N PHE A 221 20.19 -2.60 -10.12
CA PHE A 221 18.91 -2.11 -9.66
C PHE A 221 19.07 -0.76 -8.98
N ALA A 222 17.95 -0.11 -8.72
CA ALA A 222 17.96 1.19 -8.07
C ALA A 222 18.41 1.05 -6.63
N TYR A 223 19.49 1.75 -6.27
CA TYR A 223 20.03 1.69 -4.91
C TYR A 223 19.03 2.14 -3.86
N ASP A 224 17.98 2.86 -4.26
CA ASP A 224 17.04 3.43 -3.28
C ASP A 224 16.29 2.34 -2.52
N ILE A 225 16.13 1.16 -3.11
CA ILE A 225 15.40 0.08 -2.45
C ILE A 225 16.17 -0.53 -1.29
N LEU A 226 17.45 -0.18 -1.13
CA LEU A 226 18.26 -0.69 -0.04
C LEU A 226 18.50 0.32 1.07
N THR A 227 18.38 1.61 0.78
CA THR A 227 18.73 2.64 1.76
C THR A 227 17.85 2.55 3.00
N THR A 228 16.65 2.01 2.89
CA THR A 228 15.77 1.87 4.04
C THR A 228 16.21 0.72 4.94
N ALA A 229 16.73 -0.35 4.37
CA ALA A 229 17.10 -1.54 5.13
C ALA A 229 18.33 -1.31 6.01
N NFA A 230 19.12 -0.29 5.67
CA NFA A 230 20.35 0.00 6.41
C NFA A 230 20.04 0.46 7.84
O NFA A 230 19.85 -0.34 8.70
CB NFA A 230 21.15 1.09 5.70
CG NFA A 230 21.81 0.53 4.44
CD1 NFA A 230 21.69 1.22 3.24
CD2 NFA A 230 22.52 -0.66 4.49
CE1 NFA A 230 22.27 0.72 2.08
CE2 NFA A 230 23.11 -1.15 3.34
CZ NFA A 230 22.98 -0.48 2.14
NXT NFA A 230 19.98 1.88 8.14
N TYR B 14 16.52 -23.20 -16.13
CA TYR B 14 15.83 -21.92 -15.98
C TYR B 14 15.74 -21.52 -14.50
N SER B 15 15.00 -20.45 -14.22
CA SER B 15 14.86 -19.95 -12.86
C SER B 15 13.56 -19.18 -12.75
N TRP B 16 12.96 -19.24 -11.56
CA TRP B 16 11.75 -18.49 -11.27
C TRP B 16 11.88 -17.79 -9.93
N GLU B 17 11.17 -16.66 -9.80
CA GLU B 17 11.06 -15.92 -8.56
C GLU B 17 9.59 -15.77 -8.23
N ARG B 18 9.23 -16.00 -6.97
CA ARG B 18 7.84 -16.14 -6.57
C ARG B 18 7.47 -15.17 -5.47
N SER B 19 6.26 -14.63 -5.56
CA SER B 19 5.61 -13.89 -4.48
C SER B 19 4.54 -14.77 -3.85
N MET B 20 4.32 -14.59 -2.54
CA MET B 20 3.35 -15.40 -1.82
C MET B 20 2.62 -14.51 -0.81
N THR B 21 1.49 -13.96 -1.23
CA THR B 21 0.67 -13.08 -0.42
C THR B 21 -0.44 -13.90 0.24
N TYR B 22 -0.44 -13.93 1.57
CA TYR B 22 -1.39 -14.75 2.32
C TYR B 22 -2.59 -13.91 2.75
N GLU B 23 -3.47 -14.53 3.53
CA GLU B 23 -4.74 -13.90 3.88
C GLU B 23 -4.61 -12.98 5.09
N ASP B 24 -3.91 -13.42 6.13
CA ASP B 24 -3.81 -12.66 7.38
C ASP B 24 -2.60 -11.75 7.43
N GLY B 25 -2.25 -11.11 6.32
CA GLY B 25 -1.11 -10.22 6.28
C GLY B 25 0.24 -10.88 6.13
N GLY B 26 0.31 -12.21 6.27
CA GLY B 26 1.57 -12.89 6.05
C GLY B 26 2.03 -12.78 4.61
N ILE B 27 3.35 -12.92 4.44
CA ILE B 27 3.96 -12.73 3.13
C ILE B 27 5.25 -13.54 3.07
N CYS B 28 5.53 -14.09 1.89
CA CYS B 28 6.75 -14.86 1.68
C CYS B 28 7.23 -14.65 0.24
N ILE B 29 8.54 -14.78 0.05
CA ILE B 29 9.16 -14.68 -1.27
C ILE B 29 10.18 -15.79 -1.40
N ALA B 30 10.44 -16.21 -2.63
CA ALA B 30 11.39 -17.28 -2.88
C ALA B 30 11.90 -17.22 -4.31
N THR B 31 13.11 -17.72 -4.51
CA THR B 31 13.70 -17.90 -5.83
C THR B 31 14.26 -19.31 -5.93
N ASN B 32 14.37 -19.82 -7.15
CA ASN B 32 14.92 -21.13 -7.40
C ASN B 32 15.85 -21.09 -8.59
N ASP B 33 17.01 -21.73 -8.46
CA ASP B 33 17.97 -21.88 -9.55
C ASP B 33 17.92 -23.34 -10.00
N ILE B 34 17.37 -23.57 -11.19
CA ILE B 34 17.16 -24.92 -11.71
C ILE B 34 18.11 -25.14 -12.88
N THR B 35 18.83 -26.25 -12.85
CA THR B 35 19.75 -26.60 -13.92
C THR B 35 19.47 -28.00 -14.46
N PHE B 41 19.72 -32.81 -12.03
CA PHE B 41 18.72 -31.86 -11.58
C PHE B 41 18.93 -31.51 -10.11
N ILE B 42 19.43 -30.31 -9.85
CA ILE B 42 19.61 -29.79 -8.49
C ILE B 42 19.01 -28.40 -8.42
N ASN B 43 18.25 -28.14 -7.35
CA ASN B 43 17.55 -26.88 -7.17
C ASN B 43 18.06 -26.20 -5.91
N LYS B 44 18.62 -25.00 -6.07
CA LYS B 44 19.05 -24.18 -4.95
C LYS B 44 17.98 -23.12 -4.72
N ILE B 45 17.32 -23.18 -3.56
CA ILE B 45 16.18 -22.34 -3.25
C ILE B 45 16.48 -21.51 -2.02
N HIS B 46 16.02 -20.26 -2.03
CA HIS B 46 16.10 -19.36 -0.88
C HIS B 46 14.71 -18.82 -0.60
N PHE B 47 14.23 -19.05 0.61
CA PHE B 47 12.85 -18.77 0.99
C PHE B 47 12.84 -17.97 2.27
N LYS B 48 12.09 -16.86 2.30
CA LYS B 48 11.94 -16.11 3.54
C LYS B 48 10.59 -15.43 3.57
N GLY B 49 10.00 -15.35 4.75
CA GLY B 49 8.71 -14.72 4.93
C GLY B 49 8.56 -14.22 6.35
N THR B 50 7.66 -13.25 6.52
CA THR B 50 7.53 -12.59 7.82
C THR B 50 6.10 -12.08 7.98
N ASN B 51 5.87 -11.37 9.08
CA ASN B 51 4.56 -10.79 9.42
C ASN B 51 3.47 -11.86 9.48
N PHE B 52 3.86 -13.07 9.85
CA PHE B 52 2.89 -14.12 10.14
C PHE B 52 2.37 -13.93 11.56
N PRO B 53 1.08 -13.75 11.76
CA PRO B 53 0.53 -13.59 13.11
C PRO B 53 0.84 -14.81 13.96
N PRO B 54 1.44 -14.63 15.14
CA PRO B 54 1.74 -15.79 15.99
C PRO B 54 0.50 -16.56 16.41
N ASN B 55 -0.63 -15.87 16.61
CA ASN B 55 -1.90 -16.52 16.81
C ASN B 55 -2.52 -17.01 15.51
N GLY B 56 -1.81 -16.87 14.39
CA GLY B 56 -2.35 -17.22 13.10
C GLY B 56 -2.18 -18.68 12.76
N PRO B 57 -2.55 -19.05 11.52
CA PRO B 57 -2.52 -20.46 11.11
C PRO B 57 -1.12 -21.04 11.01
N VAL B 58 -0.21 -20.33 10.33
CA VAL B 58 1.07 -20.92 9.96
C VAL B 58 1.92 -21.22 11.20
N MET B 59 2.07 -20.24 12.08
CA MET B 59 2.97 -20.41 13.22
C MET B 59 2.41 -21.37 14.25
N GLN B 60 1.08 -21.48 14.35
CA GLN B 60 0.43 -22.36 15.32
C GLN B 60 0.28 -23.79 14.80
N LYS B 61 0.69 -24.06 13.55
CA LYS B 61 0.70 -25.40 12.99
C LYS B 61 -0.66 -26.08 13.02
N ARG B 62 -1.49 -25.79 12.02
CA ARG B 62 -2.77 -26.48 11.86
C ARG B 62 -3.05 -26.86 10.41
N THR B 63 -2.08 -26.70 9.51
CA THR B 63 -2.33 -26.91 8.09
C THR B 63 -2.57 -28.38 7.77
N VAL B 64 -3.31 -28.63 6.69
CA VAL B 64 -3.61 -29.98 6.24
C VAL B 64 -3.58 -30.05 4.72
N GLY B 65 -2.61 -29.41 4.09
CA GLY B 65 -2.38 -29.54 2.67
C GLY B 65 -2.89 -28.35 1.87
N TRP B 66 -2.61 -28.40 0.56
CA TRP B 66 -2.99 -27.37 -0.38
C TRP B 66 -4.04 -27.91 -1.35
N GLU B 67 -5.12 -27.17 -1.55
CA GLU B 67 -6.13 -27.57 -2.52
C GLU B 67 -5.55 -27.59 -3.93
N ALA B 68 -6.19 -28.36 -4.79
CA ALA B 68 -5.80 -28.39 -6.20
C ALA B 68 -5.99 -27.00 -6.80
N SER B 69 -4.99 -26.54 -7.54
CA SER B 69 -4.99 -25.19 -8.08
C SER B 69 -4.78 -25.22 -9.58
N THR B 70 -5.21 -24.14 -10.23
CA THR B 70 -5.05 -23.95 -11.67
C THR B 70 -4.25 -22.68 -11.88
N GLU B 71 -3.03 -22.83 -12.40
CA GLU B 71 -2.13 -21.71 -12.62
C GLU B 71 -2.42 -21.07 -13.96
N LYS B 72 -2.79 -19.79 -13.94
CA LYS B 72 -3.08 -19.04 -15.16
C LYS B 72 -1.79 -18.34 -15.60
N MET B 73 -1.09 -18.95 -16.55
CA MET B 73 0.16 -18.39 -17.06
C MET B 73 -0.12 -17.46 -18.23
N TYR B 74 0.45 -16.26 -18.19
CA TYR B 74 0.27 -15.28 -19.25
C TYR B 74 1.62 -14.60 -19.51
N GLU B 75 1.60 -13.58 -20.38
CA GLU B 75 2.83 -12.86 -20.70
C GLU B 75 2.42 -11.54 -21.36
N ARG B 76 2.13 -10.54 -20.51
CA ARG B 76 1.72 -9.22 -20.98
C ARG B 76 2.90 -8.30 -21.27
N ASP B 77 4.07 -8.58 -20.73
CA ASP B 77 5.28 -7.85 -21.08
C ASP B 77 5.99 -8.71 -22.16
N GLY B 78 7.32 -8.93 -22.24
CA GLY B 78 8.44 -8.48 -21.42
C GLY B 78 8.64 -9.36 -20.21
N VAL B 79 8.13 -10.59 -20.27
CA VAL B 79 7.91 -11.34 -19.04
C VAL B 79 7.62 -12.82 -19.32
N LEU B 80 7.29 -13.55 -18.25
CA LEU B 80 6.64 -14.86 -18.35
C LEU B 80 6.10 -15.17 -16.97
N LYS B 81 4.84 -14.80 -16.73
CA LYS B 81 4.27 -14.80 -15.39
C LYS B 81 3.59 -16.14 -15.10
N GLY B 82 2.84 -16.15 -13.99
CA GLY B 82 2.09 -17.31 -13.54
C GLY B 82 1.33 -17.00 -12.27
N ASP B 83 0.10 -16.50 -12.42
CA ASP B 83 -0.73 -16.14 -11.28
C ASP B 83 -1.71 -17.27 -10.97
N VAL B 84 -2.01 -17.43 -9.69
CA VAL B 84 -2.96 -18.45 -9.23
C VAL B 84 -3.38 -18.15 -7.80
N LYS B 85 -4.69 -18.24 -7.54
CA LYS B 85 -5.22 -18.07 -6.20
C LYS B 85 -5.33 -19.45 -5.56
N MET B 86 -4.52 -19.71 -4.53
CA MET B 86 -4.47 -20.98 -3.85
C MET B 86 -5.09 -20.86 -2.46
N LYS B 87 -5.63 -21.97 -1.97
CA LYS B 87 -6.32 -22.02 -0.69
C LYS B 87 -5.67 -23.06 0.21
N LEU B 88 -5.26 -22.65 1.40
CA LEU B 88 -4.61 -23.52 2.36
C LEU B 88 -5.66 -24.04 3.35
N LEU B 89 -5.91 -25.35 3.31
CA LEU B 89 -6.86 -25.95 4.23
C LEU B 89 -6.23 -26.12 5.62
N LEU B 90 -7.06 -25.96 6.64
CA LEU B 90 -6.63 -26.17 8.02
C LEU B 90 -7.63 -27.07 8.74
N LYS B 91 -7.27 -27.42 9.97
CA LYS B 91 -8.08 -28.32 10.80
C LYS B 91 -9.52 -27.80 10.99
N GLY B 94 -11.70 -24.33 7.53
CA GLY B 94 -11.93 -23.80 6.21
C GLY B 94 -10.67 -23.67 5.36
N HIS B 95 -10.57 -22.58 4.61
CA HIS B 95 -9.43 -22.31 3.74
C HIS B 95 -8.70 -21.06 4.22
N TYR B 96 -7.39 -21.05 4.00
CA TYR B 96 -6.51 -19.93 4.34
C TYR B 96 -5.95 -19.40 3.02
N ARG B 97 -6.67 -18.43 2.44
CA ARG B 97 -6.41 -18.01 1.08
C ARG B 97 -5.03 -17.38 0.93
N CYS B 98 -4.44 -17.56 -0.25
CA CYS B 98 -3.13 -17.01 -0.55
C CYS B 98 -2.98 -16.87 -2.06
N ASP B 99 -2.26 -15.84 -2.48
CA ASP B 99 -2.09 -15.53 -3.89
C ASP B 99 -0.62 -15.67 -4.29
N TYR B 100 -0.37 -16.41 -5.37
CA TYR B 100 0.98 -16.65 -5.87
C TYR B 100 1.23 -15.80 -7.10
N ARG B 101 2.42 -15.20 -7.16
CA ARG B 101 2.85 -14.41 -8.31
C ARG B 101 4.28 -14.82 -8.65
N THR B 102 4.47 -15.55 -9.74
CA THR B 102 5.76 -16.11 -10.11
C THR B 102 6.23 -15.55 -11.43
N THR B 103 7.52 -15.23 -11.51
CA THR B 103 8.15 -14.76 -12.73
C THR B 103 9.17 -15.79 -13.19
N TYR B 104 8.88 -16.46 -14.30
CA TYR B 104 9.79 -17.44 -14.87
C TYR B 104 10.67 -16.77 -15.91
N LYS B 105 11.99 -16.96 -15.78
CA LYS B 105 12.97 -16.35 -16.66
C LYS B 105 13.62 -17.43 -17.51
N VAL B 106 13.55 -17.27 -18.82
CA VAL B 106 14.13 -18.23 -19.75
C VAL B 106 15.58 -17.87 -20.05
N TYR B 116 -2.63 -17.04 -23.64
CA TYR B 116 -3.15 -17.53 -22.37
C TYR B 116 -3.13 -19.06 -22.30
N HIS B 117 -2.45 -19.59 -21.29
CA HIS B 117 -2.36 -21.03 -21.09
C HIS B 117 -2.65 -21.35 -19.62
N PHE B 118 -3.09 -22.58 -19.38
CA PHE B 118 -3.48 -23.02 -18.05
C PHE B 118 -2.70 -24.27 -17.67
N VAL B 119 -2.38 -24.38 -16.37
CA VAL B 119 -1.66 -25.52 -15.82
C VAL B 119 -2.31 -25.89 -14.49
N ASP B 120 -2.61 -27.17 -14.32
CA ASP B 120 -3.18 -27.67 -13.07
C ASP B 120 -2.06 -28.05 -12.10
N HIS B 121 -2.35 -27.93 -10.81
CA HIS B 121 -1.36 -28.18 -9.77
C HIS B 121 -2.01 -28.95 -8.63
N ARG B 122 -1.45 -30.12 -8.32
CA ARG B 122 -1.86 -30.91 -7.17
C ARG B 122 -0.63 -31.17 -6.30
N ILE B 123 -0.75 -30.88 -5.01
CA ILE B 123 0.35 -31.03 -4.06
C ILE B 123 -0.18 -31.67 -2.80
N GLU B 124 0.45 -32.77 -2.37
CA GLU B 124 0.01 -33.50 -1.20
C GLU B 124 1.23 -33.88 -0.35
N ILE B 125 0.96 -34.18 0.91
CA ILE B 125 1.97 -34.68 1.85
C ILE B 125 1.66 -36.14 2.07
N LEU B 126 2.44 -37.02 1.43
CA LEU B 126 2.22 -38.46 1.58
C LEU B 126 2.74 -38.96 2.93
N SER B 127 3.97 -38.59 3.28
CA SER B 127 4.59 -39.02 4.54
C SER B 127 5.16 -37.81 5.25
N HIS B 128 5.16 -37.88 6.59
CA HIS B 128 5.78 -36.86 7.41
C HIS B 128 6.06 -37.47 8.78
N ASP B 129 7.17 -37.05 9.38
CA ASP B 129 7.66 -37.62 10.62
C ASP B 129 7.21 -36.81 11.83
N LYS B 130 5.88 -36.67 11.95
CA LYS B 130 5.26 -35.96 13.07
C LYS B 130 5.78 -34.52 13.18
N ASP B 131 7.02 -34.36 13.60
CA ASP B 131 7.66 -33.05 13.67
C ASP B 131 8.07 -32.51 12.29
N TYR B 132 7.65 -33.19 11.23
CA TYR B 132 7.87 -32.74 9.85
C TYR B 132 9.35 -32.62 9.51
N ASN B 133 10.20 -33.38 10.19
CA ASN B 133 11.61 -33.45 9.82
C ASN B 133 11.75 -34.13 8.47
N LYS B 134 11.52 -35.44 8.44
CA LYS B 134 11.51 -36.20 7.20
C LYS B 134 10.09 -36.20 6.63
N VAL B 135 9.92 -35.65 5.43
CA VAL B 135 8.62 -35.51 4.79
C VAL B 135 8.73 -35.98 3.34
N LYS B 136 7.77 -36.78 2.91
CA LYS B 136 7.66 -37.24 1.53
C LYS B 136 6.64 -36.37 0.80
N LEU B 137 7.06 -35.79 -0.32
CA LEU B 137 6.25 -34.84 -1.06
C LEU B 137 5.93 -35.38 -2.45
N TYR B 138 4.68 -35.25 -2.86
CA TYR B 138 4.23 -35.65 -4.19
C TYR B 138 3.78 -34.42 -4.97
N GLU B 139 4.18 -34.37 -6.24
CA GLU B 139 3.88 -33.23 -7.11
C GLU B 139 3.29 -33.72 -8.42
N HIS B 140 2.26 -33.02 -8.90
CA HIS B 140 1.63 -33.33 -10.17
C HIS B 140 1.28 -32.01 -10.85
N ALA B 141 1.89 -31.77 -12.00
CA ALA B 141 1.69 -30.52 -12.76
C ALA B 141 1.50 -30.89 -14.22
N VAL B 142 0.25 -30.83 -14.69
CA VAL B 142 -0.10 -31.16 -16.07
C VAL B 142 -0.64 -29.90 -16.74
N ALA B 143 -0.24 -29.69 -18.00
CA ALA B 143 -0.73 -28.55 -18.75
C ALA B 143 -2.21 -28.75 -19.12
N ARG B 144 -2.83 -27.66 -19.54
CA ARG B 144 -4.24 -27.69 -19.92
C ARG B 144 -4.59 -26.52 -20.84
N MET B 177 14.23 -38.82 -14.82
CA MET B 177 15.36 -38.05 -14.30
C MET B 177 15.18 -37.75 -12.82
N LYS B 178 16.23 -38.03 -12.04
CA LYS B 178 16.20 -37.76 -10.61
C LYS B 178 16.51 -36.30 -10.34
N ASN B 179 15.78 -35.72 -9.39
CA ASN B 179 15.87 -34.29 -9.08
C ASN B 179 16.31 -34.12 -7.63
N LYS B 180 17.42 -33.41 -7.44
CA LYS B 180 17.91 -33.06 -6.12
C LYS B 180 17.52 -31.62 -5.78
N LEU B 181 17.45 -31.33 -4.48
CA LEU B 181 17.00 -30.02 -4.03
C LEU B 181 17.76 -29.63 -2.77
N ARG B 182 17.81 -28.32 -2.52
CA ARG B 182 18.44 -27.77 -1.32
C ARG B 182 17.91 -26.36 -1.11
N MET B 183 17.39 -26.10 0.09
CA MET B 183 16.72 -24.84 0.39
C MET B 183 17.26 -24.25 1.69
N GLU B 184 17.56 -22.95 1.65
CA GLU B 184 17.96 -22.19 2.83
C GLU B 184 16.86 -21.19 3.13
N GLY B 185 16.19 -21.35 4.27
CA GLY B 185 15.01 -20.59 4.58
C GLY B 185 15.09 -19.87 5.91
N ASN B 186 14.31 -18.79 6.02
CA ASN B 186 14.20 -18.02 7.26
C ASN B 186 12.81 -17.41 7.29
N VAL B 187 11.91 -18.01 8.07
CA VAL B 187 10.54 -17.50 8.24
C VAL B 187 10.38 -17.05 9.68
N ASN B 188 9.92 -15.82 9.86
CA ASN B 188 9.69 -15.22 11.18
C ASN B 188 10.97 -15.25 12.01
N GLY B 189 12.11 -14.99 11.37
CA GLY B 189 13.37 -14.95 12.06
C GLY B 189 14.03 -16.28 12.32
N HIS B 190 13.36 -17.40 11.99
CA HIS B 190 13.89 -18.73 12.24
C HIS B 190 14.55 -19.26 10.97
N ALA B 191 15.88 -19.33 10.98
CA ALA B 191 16.61 -19.87 9.84
C ALA B 191 16.58 -21.40 9.86
N PHE B 192 16.71 -21.99 8.67
CA PHE B 192 16.69 -23.44 8.55
C PHE B 192 17.25 -23.82 7.19
N VAL B 193 17.71 -25.06 7.10
CA VAL B 193 18.35 -25.60 5.91
C VAL B 193 17.86 -27.03 5.72
N ILE B 194 17.24 -27.31 4.58
CA ILE B 194 16.70 -28.63 4.28
C ILE B 194 17.05 -28.98 2.84
N GLU B 195 17.16 -30.29 2.58
CA GLU B 195 17.49 -30.79 1.25
C GLU B 195 16.80 -32.12 1.04
N GLY B 196 16.84 -32.60 -0.19
CA GLY B 196 16.20 -33.85 -0.53
C GLY B 196 16.30 -34.10 -2.02
N GLU B 197 15.81 -35.28 -2.41
CA GLU B 197 15.81 -35.67 -3.81
C GLU B 197 14.76 -36.75 -4.02
N GLY B 198 14.54 -37.08 -5.29
CA GLY B 198 13.56 -38.09 -5.66
C GLY B 198 13.29 -38.16 -7.15
N PHE B 203 11.75 -35.22 -18.35
CA PHE B 203 10.48 -35.56 -17.72
C PHE B 203 9.41 -34.54 -18.10
N GLU B 204 8.47 -34.31 -17.17
CA GLU B 204 7.37 -33.38 -17.42
C GLU B 204 6.92 -32.72 -16.13
N GLY B 205 5.87 -33.24 -15.51
CA GLY B 205 5.32 -32.64 -14.32
C GLY B 205 4.78 -33.61 -13.29
N ILE B 206 5.47 -34.74 -13.11
CA ILE B 206 5.13 -35.70 -12.06
C ILE B 206 6.44 -36.12 -11.41
N GLN B 207 6.56 -35.85 -10.10
CA GLN B 207 7.79 -36.20 -9.39
C GLN B 207 7.49 -36.25 -7.90
N THR B 208 7.98 -37.29 -7.23
CA THR B 208 7.89 -37.39 -5.78
C THR B 208 9.25 -37.04 -5.18
N ILE B 209 9.22 -36.34 -4.05
CA ILE B 209 10.44 -35.86 -3.40
C ILE B 209 10.37 -36.18 -1.91
N ASP B 210 11.47 -36.65 -1.36
CA ASP B 210 11.60 -36.98 0.05
C ASP B 210 12.56 -35.98 0.69
N LEU B 211 12.03 -35.14 1.58
CA LEU B 211 12.80 -34.11 2.25
C LEU B 211 12.98 -34.44 3.73
N GLU B 212 14.19 -34.26 4.23
CA GLU B 212 14.49 -34.39 5.65
C GLU B 212 15.17 -33.11 6.12
N VAL B 213 14.79 -32.65 7.30
CA VAL B 213 15.36 -31.42 7.86
C VAL B 213 16.70 -31.76 8.50
N LYS B 214 17.76 -31.10 8.03
CA LYS B 214 19.09 -31.30 8.55
C LYS B 214 19.57 -30.17 9.45
N GLU B 215 19.26 -28.93 9.11
CA GLU B 215 19.64 -27.77 9.91
C GLU B 215 18.41 -26.89 10.10
N GLY B 216 18.00 -26.71 11.35
CA GLY B 216 16.87 -25.86 11.68
C GLY B 216 15.74 -26.53 12.43
N ALA B 217 15.73 -27.86 12.55
CA ALA B 217 14.64 -28.55 13.22
C ALA B 217 14.61 -28.19 14.70
N PRO B 218 13.42 -28.14 15.32
CA PRO B 218 12.12 -28.33 14.66
C PRO B 218 11.52 -27.02 14.16
N LEU B 219 10.91 -27.05 12.98
CA LEU B 219 10.32 -25.86 12.40
C LEU B 219 9.16 -25.38 13.27
N PRO B 220 9.18 -24.13 13.75
CA PRO B 220 8.08 -23.65 14.60
C PRO B 220 6.91 -23.10 13.80
N PHE B 221 6.82 -23.48 12.52
CA PHE B 221 5.75 -23.04 11.65
C PHE B 221 5.22 -24.25 10.87
N ALA B 222 4.20 -24.01 10.07
CA ALA B 222 3.57 -25.08 9.31
C ALA B 222 4.39 -25.42 8.07
N TYR B 223 4.60 -26.71 7.84
CA TYR B 223 5.43 -27.17 6.73
C TYR B 223 4.79 -26.89 5.37
N ASP B 224 3.47 -26.68 5.32
CA ASP B 224 2.78 -26.58 4.04
C ASP B 224 3.24 -25.37 3.23
N ILE B 225 3.69 -24.30 3.90
CA ILE B 225 4.02 -23.07 3.19
C ILE B 225 5.30 -23.17 2.38
N LEU B 226 6.03 -24.29 2.48
CA LEU B 226 7.28 -24.46 1.75
C LEU B 226 7.19 -25.46 0.60
N THR B 227 6.15 -26.30 0.56
CA THR B 227 6.11 -27.42 -0.37
C THR B 227 5.97 -26.99 -1.82
N THR B 228 5.38 -25.83 -2.09
CA THR B 228 5.19 -25.39 -3.47
C THR B 228 6.46 -24.83 -4.09
N ALA B 229 7.43 -24.42 -3.28
CA ALA B 229 8.73 -24.00 -3.80
C ALA B 229 9.43 -25.20 -4.40
N NFA B 230 9.18 -26.37 -3.81
CA NFA B 230 9.72 -27.62 -4.32
C NFA B 230 8.91 -28.07 -5.53
O NFA B 230 9.27 -29.00 -6.17
CB NFA B 230 9.68 -28.70 -3.24
CG NFA B 230 10.37 -28.23 -1.97
CD1 NFA B 230 9.66 -28.15 -0.79
CD2 NFA B 230 11.71 -27.87 -2.00
CE1 NFA B 230 10.29 -27.71 0.37
CE2 NFA B 230 12.33 -27.44 -0.85
CZ NFA B 230 11.62 -27.36 0.34
NXT NFA B 230 7.69 -27.37 -5.90
N GLY C 13 -17.35 30.93 17.86
CA GLY C 13 -16.39 30.16 17.09
C GLY C 13 -14.95 30.61 17.29
N TYR C 14 -14.08 30.23 16.36
CA TYR C 14 -12.67 30.56 16.42
C TYR C 14 -12.24 31.18 15.09
N SER C 15 -10.98 31.60 15.03
CA SER C 15 -10.44 32.23 13.84
C SER C 15 -8.97 31.86 13.71
N TRP C 16 -8.45 31.96 12.48
CA TRP C 16 -7.03 31.75 12.23
C TRP C 16 -6.56 32.64 11.10
N GLU C 17 -5.28 33.01 11.16
CA GLU C 17 -4.62 33.77 10.11
C GLU C 17 -3.45 32.97 9.59
N ARG C 18 -3.38 32.80 8.27
CA ARG C 18 -2.41 31.92 7.62
C ARG C 18 -1.65 32.67 6.56
N SER C 19 -0.36 32.38 6.46
CA SER C 19 0.52 32.94 5.43
C SER C 19 1.17 31.81 4.66
N MET C 20 1.20 31.91 3.34
CA MET C 20 1.73 30.87 2.47
C MET C 20 2.86 31.47 1.63
N THR C 21 4.09 31.01 1.88
CA THR C 21 5.27 31.50 1.17
C THR C 21 5.69 30.45 0.14
N TYR C 22 5.40 30.72 -1.12
CA TYR C 22 5.68 29.78 -2.19
C TYR C 22 7.16 29.86 -2.59
N GLU C 23 7.55 28.94 -3.47
CA GLU C 23 8.96 28.78 -3.80
C GLU C 23 9.47 29.92 -4.67
N ASP C 24 8.78 30.22 -5.76
CA ASP C 24 9.25 31.21 -6.73
C ASP C 24 8.78 32.63 -6.40
N GLY C 25 8.77 33.01 -5.14
CA GLY C 25 8.45 34.36 -4.73
C GLY C 25 6.97 34.65 -4.58
N GLY C 26 6.09 33.75 -5.00
CA GLY C 26 4.67 33.97 -4.83
C GLY C 26 4.28 34.00 -3.36
N ILE C 27 3.40 34.94 -3.01
CA ILE C 27 3.00 35.16 -1.63
C ILE C 27 1.48 35.08 -1.53
N CYS C 28 1.00 34.37 -0.51
CA CYS C 28 -0.43 34.24 -0.27
C CYS C 28 -0.71 34.40 1.22
N ILE C 29 -1.85 35.02 1.54
CA ILE C 29 -2.26 35.27 2.92
C ILE C 29 -3.77 35.18 3.00
N ALA C 30 -4.27 34.44 3.97
CA ALA C 30 -5.70 34.25 4.15
C ALA C 30 -6.06 34.26 5.62
N THR C 31 -7.14 34.97 5.97
CA THR C 31 -7.66 35.01 7.32
C THR C 31 -9.09 34.51 7.30
N ASN C 32 -9.45 33.70 8.30
CA ASN C 32 -10.73 33.03 8.36
C ASN C 32 -11.34 33.21 9.74
N ASP C 33 -12.59 33.65 9.78
CA ASP C 33 -13.35 33.77 11.02
C ASP C 33 -14.54 32.83 10.92
N ILE C 34 -14.64 31.91 11.87
CA ILE C 34 -15.63 30.84 11.83
C ILE C 34 -16.58 31.00 13.01
N THR C 35 -17.86 30.70 12.77
CA THR C 35 -18.88 30.81 13.80
C THR C 35 -19.76 29.57 13.84
N ASP C 39 -26.99 23.95 13.77
CA ASP C 39 -26.53 22.66 13.21
C ASP C 39 -25.60 22.87 12.03
N SER C 40 -25.01 24.07 11.93
CA SER C 40 -24.16 24.40 10.79
C SER C 40 -23.17 25.49 11.20
N PHE C 41 -21.94 25.37 10.74
CA PHE C 41 -20.90 26.37 10.90
C PHE C 41 -20.53 26.94 9.53
N ILE C 42 -19.76 28.03 9.55
CA ILE C 42 -19.42 28.74 8.32
C ILE C 42 -18.14 29.53 8.54
N ASN C 43 -17.30 29.54 7.50
CA ASN C 43 -16.00 30.22 7.49
C ASN C 43 -16.09 31.46 6.60
N LYS C 44 -16.06 32.64 7.21
CA LYS C 44 -15.99 33.89 6.45
C LYS C 44 -14.51 34.20 6.22
N ILE C 45 -14.05 33.91 5.00
CA ILE C 45 -12.63 33.90 4.68
C ILE C 45 -12.28 35.10 3.81
N HIS C 46 -11.08 35.65 4.02
CA HIS C 46 -10.52 36.73 3.21
C HIS C 46 -9.20 36.23 2.63
N PHE C 47 -9.22 35.87 1.34
CA PHE C 47 -8.02 35.44 0.64
C PHE C 47 -7.40 36.61 -0.11
N LYS C 48 -6.08 36.60 -0.21
CA LYS C 48 -5.36 37.68 -0.90
C LYS C 48 -3.95 37.21 -1.18
N GLY C 49 -3.62 37.07 -2.48
CA GLY C 49 -2.29 36.69 -2.88
C GLY C 49 -1.83 37.54 -4.05
N THR C 50 -0.52 37.53 -4.26
CA THR C 50 0.12 38.25 -5.36
C THR C 50 1.57 37.78 -5.44
N ASN C 51 2.33 38.40 -6.34
CA ASN C 51 3.72 38.08 -6.67
C ASN C 51 3.86 36.80 -7.48
N PHE C 52 2.77 36.10 -7.78
CA PHE C 52 2.86 34.90 -8.60
C PHE C 52 3.29 35.28 -10.01
N PRO C 53 4.47 34.87 -10.47
CA PRO C 53 4.96 35.32 -11.77
C PRO C 53 4.12 34.74 -12.90
N PRO C 54 3.89 35.52 -13.96
CA PRO C 54 3.25 34.93 -15.15
C PRO C 54 4.09 33.82 -15.76
N ASN C 55 5.40 33.85 -15.53
CA ASN C 55 6.25 32.73 -15.92
C ASN C 55 6.01 31.52 -15.01
N GLY C 56 5.54 31.77 -13.78
CA GLY C 56 5.39 30.72 -12.79
C GLY C 56 4.40 29.65 -13.17
N PRO C 57 4.42 28.53 -12.43
CA PRO C 57 3.56 27.40 -12.77
C PRO C 57 2.09 27.60 -12.42
N VAL C 58 1.83 28.36 -11.35
CA VAL C 58 0.45 28.50 -10.88
C VAL C 58 -0.37 29.33 -11.85
N MET C 59 0.16 30.48 -12.28
CA MET C 59 -0.54 31.30 -13.26
C MET C 59 -0.63 30.62 -14.62
N GLN C 60 0.27 29.69 -14.91
CA GLN C 60 0.17 28.87 -16.11
C GLN C 60 -0.71 27.65 -15.91
N LYS C 61 -1.17 27.39 -14.69
CA LYS C 61 -2.08 26.29 -14.36
C LYS C 61 -1.48 24.94 -14.73
N ARG C 62 -0.36 24.61 -14.08
CA ARG C 62 0.28 23.31 -14.25
C ARG C 62 0.57 22.68 -12.89
N THR C 63 -0.43 22.65 -12.02
CA THR C 63 -0.32 22.04 -10.70
C THR C 63 -1.24 20.82 -10.62
N VAL C 64 -0.84 19.85 -9.79
CA VAL C 64 -1.62 18.63 -9.61
C VAL C 64 -1.78 18.35 -8.12
N GLY C 65 -2.74 19.02 -7.50
CA GLY C 65 -3.12 18.74 -6.12
C GLY C 65 -2.02 18.88 -5.08
N TRP C 66 -2.35 18.62 -3.82
CA TRP C 66 -1.42 18.72 -2.71
C TRP C 66 -0.95 17.35 -2.28
N GLU C 67 0.33 17.25 -1.92
CA GLU C 67 0.83 16.04 -1.30
C GLU C 67 0.49 16.03 0.18
N ALA C 68 0.35 14.83 0.73
CA ALA C 68 0.00 14.68 2.14
C ALA C 68 1.06 15.34 3.02
N SER C 69 0.62 16.21 3.91
CA SER C 69 1.51 17.03 4.72
C SER C 69 1.30 16.74 6.20
N THR C 70 2.24 17.22 7.00
CA THR C 70 2.25 17.03 8.45
C THR C 70 2.35 18.39 9.13
N GLU C 71 1.26 18.84 9.73
CA GLU C 71 1.24 20.11 10.44
C GLU C 71 1.58 19.90 11.90
N LYS C 72 2.57 20.66 12.39
CA LYS C 72 2.98 20.60 13.79
C LYS C 72 2.40 21.81 14.50
N MET C 73 1.42 21.57 15.38
CA MET C 73 0.75 22.63 16.12
C MET C 73 1.33 22.71 17.53
N TYR C 74 1.71 23.92 17.95
CA TYR C 74 2.36 24.14 19.23
C TYR C 74 1.75 25.39 19.86
N GLU C 75 2.41 25.89 20.91
CA GLU C 75 2.01 27.09 21.61
C GLU C 75 3.24 27.98 21.78
N ARG C 76 3.49 28.83 20.79
CA ARG C 76 4.63 29.74 20.81
C ARG C 76 4.58 30.62 22.05
N ASP C 77 3.59 31.52 22.12
CA ASP C 77 3.30 32.26 23.33
C ASP C 77 1.94 31.82 23.85
N GLY C 78 1.13 32.77 24.31
CA GLY C 78 -0.25 32.47 24.61
C GLY C 78 -1.07 32.43 23.33
N VAL C 79 -0.68 31.55 22.41
CA VAL C 79 -1.21 31.57 21.06
C VAL C 79 -1.02 30.19 20.45
N LEU C 80 -2.06 29.71 19.77
CA LEU C 80 -2.00 28.43 19.07
C LEU C 80 -1.54 28.66 17.65
N LYS C 81 -0.39 28.09 17.29
CA LYS C 81 0.18 28.24 15.97
C LYS C 81 0.33 26.87 15.31
N GLY C 82 0.47 26.88 13.99
CA GLY C 82 0.64 25.65 13.24
C GLY C 82 1.51 25.85 12.00
N ASP C 83 2.60 25.10 11.92
CA ASP C 83 3.54 25.22 10.81
C ASP C 83 3.59 23.92 10.03
N VAL C 84 3.77 24.03 8.72
CA VAL C 84 3.93 22.89 7.83
C VAL C 84 4.49 23.35 6.50
N LYS C 85 5.44 22.61 5.95
CA LYS C 85 6.04 22.91 4.65
C LYS C 85 5.45 21.93 3.64
N MET C 86 4.50 22.40 2.83
CA MET C 86 3.84 21.57 1.84
C MET C 86 4.55 21.67 0.49
N LYS C 87 4.20 20.75 -0.40
CA LYS C 87 4.77 20.72 -1.74
C LYS C 87 3.65 20.49 -2.75
N LEU C 88 3.54 21.39 -3.72
CA LEU C 88 2.52 21.31 -4.75
C LEU C 88 3.04 20.51 -5.93
N LEU C 89 2.41 19.38 -6.22
CA LEU C 89 2.78 18.59 -7.38
C LEU C 89 2.41 19.33 -8.66
N LEU C 90 3.31 19.30 -9.63
CA LEU C 90 3.13 20.02 -10.88
C LEU C 90 2.81 19.06 -12.02
N LYS C 91 2.21 19.60 -13.09
CA LYS C 91 1.86 18.78 -14.24
C LYS C 91 3.11 18.25 -14.94
N GLY C 92 4.18 19.04 -14.98
CA GLY C 92 5.44 18.52 -15.47
C GLY C 92 5.97 17.38 -14.62
N GLY C 93 5.66 17.38 -13.33
CA GLY C 93 6.06 16.32 -12.43
C GLY C 93 6.93 16.76 -11.27
N GLY C 94 7.42 18.01 -11.25
CA GLY C 94 8.26 18.48 -10.17
C GLY C 94 7.47 18.79 -8.92
N HIS C 95 8.19 19.27 -7.91
CA HIS C 95 7.62 19.64 -6.62
C HIS C 95 7.70 21.14 -6.44
N TYR C 96 6.56 21.77 -6.14
CA TYR C 96 6.47 23.21 -5.94
C TYR C 96 6.32 23.44 -4.44
N ARG C 97 7.42 23.83 -3.79
CA ARG C 97 7.45 23.94 -2.34
C ARG C 97 6.70 25.19 -1.87
N CYS C 98 6.27 25.15 -0.61
CA CYS C 98 5.60 26.25 0.04
C CYS C 98 5.53 25.98 1.53
N ASP C 99 5.81 26.99 2.34
CA ASP C 99 5.83 26.86 3.79
C ASP C 99 4.60 27.56 4.37
N TYR C 100 3.79 26.81 5.11
CA TYR C 100 2.61 27.35 5.75
C TYR C 100 2.94 27.78 7.18
N ARG C 101 2.22 28.80 7.65
CA ARG C 101 2.36 29.27 9.03
C ARG C 101 1.02 29.89 9.43
N THR C 102 0.22 29.11 10.17
CA THR C 102 -1.10 29.55 10.61
C THR C 102 -1.08 29.92 12.08
N THR C 103 -1.98 30.82 12.46
CA THR C 103 -2.09 31.32 13.83
C THR C 103 -3.55 31.20 14.26
N TYR C 104 -3.86 30.14 15.00
CA TYR C 104 -5.24 29.85 15.41
C TYR C 104 -5.57 30.58 16.69
N LYS C 105 -6.73 31.24 16.71
CA LYS C 105 -7.17 31.99 17.88
C LYS C 105 -8.51 31.48 18.41
N ASP C 115 0.62 21.16 24.83
CA ASP C 115 1.67 20.24 24.43
C ASP C 115 1.76 20.14 22.91
N TYR C 116 2.75 19.39 22.43
CA TYR C 116 2.93 19.22 20.99
C TYR C 116 1.79 18.38 20.41
N HIS C 117 1.18 18.89 19.34
CA HIS C 117 0.07 18.22 18.68
C HIS C 117 0.31 18.23 17.18
N PHE C 118 0.40 17.05 16.59
CA PHE C 118 0.65 16.90 15.16
C PHE C 118 -0.65 16.57 14.43
N VAL C 119 -0.72 16.97 13.16
CA VAL C 119 -1.89 16.78 12.33
C VAL C 119 -1.43 16.46 10.91
N ASP C 120 -2.04 15.43 10.31
CA ASP C 120 -1.76 15.05 8.93
C ASP C 120 -2.92 15.49 8.05
N HIS C 121 -2.59 16.18 6.96
CA HIS C 121 -3.59 16.71 6.04
C HIS C 121 -3.54 15.96 4.72
N ARG C 122 -4.71 15.71 4.16
CA ARG C 122 -4.90 15.05 2.89
C ARG C 122 -5.86 15.89 2.13
N ILE C 123 -5.49 16.39 0.95
CA ILE C 123 -6.38 17.26 0.20
C ILE C 123 -6.25 17.14 -1.31
N GLU C 124 -7.07 16.34 -1.95
CA GLU C 124 -7.00 16.19 -3.39
C GLU C 124 -8.13 16.87 -4.12
N ILE C 125 -8.05 16.98 -5.44
CA ILE C 125 -9.14 17.58 -6.21
C ILE C 125 -10.04 16.45 -6.74
N ASP C 131 -13.34 23.45 -16.09
CA ASP C 131 -12.60 24.69 -15.86
C ASP C 131 -12.62 25.28 -14.42
N TYR C 132 -12.83 24.40 -13.46
CA TYR C 132 -12.79 24.65 -12.01
C TYR C 132 -13.82 25.56 -11.41
N ASN C 133 -14.89 25.81 -12.15
CA ASN C 133 -15.95 26.75 -11.76
C ASN C 133 -16.69 26.28 -10.51
N LYS C 134 -16.92 24.97 -10.40
CA LYS C 134 -17.53 24.38 -9.20
C LYS C 134 -16.83 23.06 -8.96
N VAL C 135 -15.95 23.03 -7.96
CA VAL C 135 -15.04 21.90 -7.74
C VAL C 135 -15.52 21.09 -6.54
N LYS C 136 -15.56 19.78 -6.70
CA LYS C 136 -15.78 18.84 -5.60
C LYS C 136 -14.42 18.32 -5.15
N LEU C 137 -14.17 18.38 -3.84
CA LEU C 137 -12.86 18.06 -3.32
C LEU C 137 -12.98 17.61 -1.86
N TYR C 138 -12.15 16.63 -1.49
CA TYR C 138 -12.22 15.95 -0.20
C TYR C 138 -11.02 16.33 0.65
N GLU C 139 -11.25 16.44 1.97
CA GLU C 139 -10.21 16.82 2.92
C GLU C 139 -10.18 15.85 4.09
N HIS C 140 -8.98 15.43 4.48
CA HIS C 140 -8.75 14.47 5.55
C HIS C 140 -7.87 15.11 6.62
N ALA C 141 -8.26 14.95 7.88
CA ALA C 141 -7.53 15.51 9.01
C ALA C 141 -7.41 14.45 10.11
N VAL C 142 -6.21 13.93 10.31
CA VAL C 142 -5.92 12.97 11.37
C VAL C 142 -5.09 13.67 12.44
N ALA C 143 -5.50 13.51 13.70
CA ALA C 143 -4.74 14.05 14.83
C ALA C 143 -3.82 12.96 15.37
N ARG C 144 -2.69 12.80 14.69
CA ARG C 144 -1.72 11.77 15.06
C ARG C 144 -0.95 12.18 16.31
N ASN C 179 -18.91 23.77 7.15
CA ASN C 179 -20.02 23.17 6.40
C ASN C 179 -20.26 23.91 5.09
N LYS C 180 -20.41 25.24 5.17
CA LYS C 180 -20.70 26.04 3.98
C LYS C 180 -19.72 27.20 3.84
N LEU C 181 -20.25 28.37 3.50
CA LEU C 181 -19.59 29.68 3.62
C LEU C 181 -18.81 30.12 2.38
N ARG C 182 -18.11 31.26 2.50
CA ARG C 182 -17.63 32.03 1.38
C ARG C 182 -16.17 32.41 1.57
N MET C 183 -15.63 33.14 0.59
CA MET C 183 -14.26 33.65 0.64
C MET C 183 -14.12 34.73 -0.41
N GLU C 184 -13.84 35.96 0.01
CA GLU C 184 -13.59 37.07 -0.89
C GLU C 184 -12.09 37.13 -1.18
N GLY C 185 -11.72 36.83 -2.41
CA GLY C 185 -10.31 36.70 -2.74
C GLY C 185 -9.79 37.62 -3.82
N ASN C 186 -8.47 37.80 -3.85
CA ASN C 186 -7.81 38.60 -4.88
C ASN C 186 -6.38 38.08 -5.02
N VAL C 187 -6.12 37.37 -6.11
CA VAL C 187 -4.81 36.79 -6.38
C VAL C 187 -4.23 37.47 -7.61
N ASN C 188 -3.03 38.04 -7.46
CA ASN C 188 -2.35 38.73 -8.55
C ASN C 188 -3.17 39.87 -9.14
N GLY C 189 -3.99 40.51 -8.30
CA GLY C 189 -4.86 41.57 -8.74
C GLY C 189 -6.19 41.12 -9.30
N HIS C 190 -6.37 39.82 -9.57
CA HIS C 190 -7.62 39.30 -10.09
C HIS C 190 -8.56 39.01 -8.92
N ALA C 191 -9.66 39.75 -8.85
CA ALA C 191 -10.63 39.56 -7.77
C ALA C 191 -11.58 38.42 -8.11
N PHE C 192 -12.16 37.84 -7.06
CA PHE C 192 -13.08 36.71 -7.20
C PHE C 192 -13.74 36.48 -5.84
N VAL C 193 -14.82 35.70 -5.87
CA VAL C 193 -15.52 35.28 -4.66
C VAL C 193 -16.03 33.87 -4.88
N ILE C 194 -15.75 32.97 -3.95
CA ILE C 194 -16.13 31.58 -4.04
C ILE C 194 -17.00 31.23 -2.83
N GLU C 195 -18.17 30.64 -3.09
CA GLU C 195 -19.10 30.24 -2.05
C GLU C 195 -19.48 28.78 -2.29
N GLY C 196 -19.32 27.95 -1.25
CA GLY C 196 -19.63 26.54 -1.37
C GLY C 196 -20.23 26.00 -0.10
N GLU C 197 -20.69 24.75 -0.18
CA GLU C 197 -21.27 24.05 0.96
C GLU C 197 -20.96 22.57 0.81
N GLY C 198 -20.53 21.94 1.90
CA GLY C 198 -20.15 20.54 1.84
C GLY C 198 -20.50 19.75 3.08
N SER C 199 -20.04 18.50 3.13
CA SER C 199 -20.33 17.62 4.25
C SER C 199 -19.29 17.80 5.35
N GLY C 205 -11.65 16.45 11.03
CA GLY C 205 -11.70 15.08 10.55
C GLY C 205 -11.77 14.97 9.03
N ILE C 206 -12.90 14.49 8.53
CA ILE C 206 -13.09 14.20 7.12
C ILE C 206 -14.25 15.06 6.60
N GLN C 207 -14.01 15.78 5.50
CA GLN C 207 -15.03 16.63 4.91
C GLN C 207 -14.93 16.58 3.39
N THR C 208 -16.08 16.62 2.73
CA THR C 208 -16.17 16.69 1.28
C THR C 208 -17.02 17.90 0.92
N ILE C 209 -16.41 18.88 0.24
CA ILE C 209 -17.05 20.15 -0.05
C ILE C 209 -17.06 20.36 -1.56
N ASP C 210 -18.19 20.87 -2.06
CA ASP C 210 -18.30 21.33 -3.43
C ASP C 210 -18.36 22.85 -3.44
N LEU C 211 -17.50 23.46 -4.23
CA LEU C 211 -17.38 24.91 -4.28
C LEU C 211 -18.21 25.48 -5.42
N GLU C 212 -18.11 26.79 -5.61
CA GLU C 212 -18.86 27.49 -6.65
C GLU C 212 -18.33 28.91 -6.83
N VAL C 213 -17.64 29.17 -7.93
CA VAL C 213 -17.16 30.51 -8.20
C VAL C 213 -18.29 31.35 -8.78
N LYS C 214 -18.34 32.62 -8.40
CA LYS C 214 -19.43 33.50 -8.81
C LYS C 214 -18.86 34.81 -9.37
N GLU C 215 -18.18 35.57 -8.51
CA GLU C 215 -17.56 36.84 -8.89
C GLU C 215 -16.27 36.66 -9.70
N GLY C 216 -16.05 35.49 -10.30
CA GLY C 216 -14.82 35.24 -11.03
C GLY C 216 -15.08 34.75 -12.41
N ALA C 217 -14.09 34.97 -13.29
CA ALA C 217 -14.06 34.47 -14.65
C ALA C 217 -13.15 33.24 -14.67
N PRO C 218 -12.79 32.69 -15.85
CA PRO C 218 -11.65 31.76 -15.87
C PRO C 218 -10.43 32.36 -15.18
N LEU C 219 -10.41 32.30 -13.85
CA LEU C 219 -9.33 32.87 -13.06
C LEU C 219 -8.00 32.27 -13.48
N PRO C 220 -7.05 33.07 -13.95
CA PRO C 220 -5.85 32.52 -14.59
C PRO C 220 -4.81 31.99 -13.62
N PHE C 221 -5.24 31.48 -12.47
CA PHE C 221 -4.33 30.84 -11.53
C PHE C 221 -4.83 29.44 -11.21
N ALA C 222 -3.90 28.59 -10.78
CA ALA C 222 -4.24 27.22 -10.43
C ALA C 222 -5.19 27.19 -9.24
N TYR C 223 -6.26 26.42 -9.37
CA TYR C 223 -7.31 26.42 -8.36
C TYR C 223 -6.82 25.86 -7.03
N ASP C 224 -5.77 25.03 -7.02
CA ASP C 224 -5.37 24.34 -5.80
C ASP C 224 -4.82 25.28 -4.74
N ILE C 225 -4.45 26.51 -5.10
CA ILE C 225 -3.88 27.43 -4.13
C ILE C 225 -4.89 27.92 -3.10
N LEU C 226 -6.17 27.64 -3.31
CA LEU C 226 -7.20 28.04 -2.37
C LEU C 226 -7.80 26.87 -1.61
N THR C 227 -7.38 25.64 -1.90
CA THR C 227 -8.01 24.46 -1.35
C THR C 227 -7.64 24.19 0.11
N THR C 228 -6.60 24.83 0.63
CA THR C 228 -6.18 24.64 2.02
C THR C 228 -6.79 25.70 2.94
N ALA C 229 -8.06 26.06 2.73
CA ALA C 229 -8.63 27.23 3.37
C ALA C 229 -10.00 27.11 4.11
N NFA C 230 -11.05 26.39 3.66
CA NFA C 230 -11.20 25.34 2.63
C NFA C 230 -10.62 24.03 3.19
O NFA C 230 -11.18 23.02 2.93
CB NFA C 230 -10.58 25.61 1.25
CG NFA C 230 -11.50 26.41 0.34
CD1 NFA C 230 -11.54 26.09 -1.01
CD2 NFA C 230 -12.28 27.44 0.83
CE1 NFA C 230 -12.35 26.80 -1.87
CE2 NFA C 230 -13.09 28.15 -0.04
CZ NFA C 230 -13.13 27.83 -1.38
NXT NFA C 230 -9.44 24.00 4.02
N TRP D 16 -18.63 -11.25 5.21
CA TRP D 16 -20.06 -11.45 5.02
C TRP D 16 -20.35 -12.14 3.69
N GLU D 17 -21.62 -12.48 3.47
CA GLU D 17 -22.07 -13.08 2.22
C GLU D 17 -23.23 -12.25 1.68
N ARG D 18 -23.11 -11.80 0.44
CA ARG D 18 -24.08 -10.90 -0.16
C ARG D 18 -24.38 -11.33 -1.59
N SER D 19 -25.66 -11.34 -1.94
CA SER D 19 -26.11 -11.69 -3.28
C SER D 19 -26.92 -10.54 -3.85
N MET D 20 -26.58 -10.13 -5.07
CA MET D 20 -27.23 -9.02 -5.74
C MET D 20 -27.95 -9.54 -6.98
N THR D 21 -29.27 -9.59 -6.92
CA THR D 21 -30.11 -9.98 -8.05
C THR D 21 -30.75 -8.74 -8.64
N TYR D 22 -30.53 -8.51 -9.93
CA TYR D 22 -30.95 -7.29 -10.59
C TYR D 22 -32.24 -7.53 -11.37
N GLU D 23 -32.54 -6.65 -12.33
CA GLU D 23 -33.81 -6.72 -13.05
C GLU D 23 -33.70 -7.51 -14.36
N ASP D 24 -32.63 -7.31 -15.13
CA ASP D 24 -32.53 -7.92 -16.45
C ASP D 24 -31.94 -9.33 -16.39
N GLY D 25 -32.19 -10.04 -15.29
CA GLY D 25 -31.71 -11.39 -15.12
C GLY D 25 -30.30 -11.51 -14.61
N GLY D 26 -29.46 -10.50 -14.85
CA GLY D 26 -28.11 -10.53 -14.32
C GLY D 26 -28.12 -10.57 -12.79
N ILE D 27 -27.05 -11.13 -12.24
CA ILE D 27 -27.02 -11.40 -10.80
C ILE D 27 -25.56 -11.44 -10.36
N CYS D 28 -25.29 -10.86 -9.19
CA CYS D 28 -23.95 -10.77 -8.63
C CYS D 28 -23.94 -11.33 -7.21
N ILE D 29 -22.85 -11.99 -6.85
CA ILE D 29 -22.64 -12.51 -5.50
C ILE D 29 -21.23 -12.17 -5.06
N ALA D 30 -21.05 -12.00 -3.75
CA ALA D 30 -19.77 -11.56 -3.22
C ALA D 30 -19.57 -12.09 -1.81
N THR D 31 -18.31 -12.37 -1.47
CA THR D 31 -17.92 -12.86 -0.16
C THR D 31 -16.72 -12.07 0.34
N ASN D 32 -16.78 -11.66 1.60
CA ASN D 32 -15.68 -10.91 2.21
C ASN D 32 -15.53 -11.31 3.67
N ASP D 33 -14.30 -11.62 4.07
CA ASP D 33 -13.96 -11.93 5.44
C ASP D 33 -12.95 -10.91 5.94
N ILE D 34 -13.28 -10.24 7.03
CA ILE D 34 -12.43 -9.17 7.56
C ILE D 34 -11.86 -9.57 8.92
N PHE D 41 -6.98 -2.66 8.91
CA PHE D 41 -8.05 -3.44 8.30
C PHE D 41 -7.64 -3.96 6.92
N ILE D 42 -7.90 -5.24 6.67
CA ILE D 42 -7.66 -5.85 5.37
C ILE D 42 -8.93 -6.57 4.96
N ASN D 43 -9.38 -6.33 3.72
CA ASN D 43 -10.62 -6.89 3.21
C ASN D 43 -10.30 -7.74 1.99
N LYS D 44 -10.16 -9.06 2.19
CA LYS D 44 -9.99 -10.00 1.09
C LYS D 44 -11.37 -10.42 0.63
N ILE D 45 -11.73 -10.06 -0.61
CA ILE D 45 -13.08 -10.18 -1.11
C ILE D 45 -13.10 -11.06 -2.35
N HIS D 46 -14.18 -11.82 -2.52
CA HIS D 46 -14.41 -12.65 -3.69
C HIS D 46 -15.71 -12.21 -4.35
N PHE D 47 -15.62 -11.76 -5.60
CA PHE D 47 -16.76 -11.25 -6.33
C PHE D 47 -17.07 -12.16 -7.51
N LYS D 48 -18.35 -12.30 -7.83
CA LYS D 48 -18.75 -13.12 -8.97
C LYS D 48 -20.13 -12.67 -9.45
N GLY D 49 -20.24 -12.44 -10.76
CA GLY D 49 -21.50 -12.05 -11.36
C GLY D 49 -21.64 -12.62 -12.76
N THR D 50 -22.81 -13.15 -13.08
CA THR D 50 -23.04 -13.80 -14.37
C THR D 50 -24.36 -13.33 -14.99
N ASN D 51 -24.58 -13.79 -16.21
CA ASN D 51 -25.86 -13.66 -16.91
C ASN D 51 -26.29 -12.20 -17.08
N PHE D 52 -25.33 -11.30 -17.13
CA PHE D 52 -25.66 -9.91 -17.46
C PHE D 52 -25.78 -9.76 -18.96
N PRO D 53 -26.89 -9.22 -19.45
CA PRO D 53 -27.12 -9.15 -20.91
C PRO D 53 -26.07 -8.29 -21.58
N PRO D 54 -25.55 -8.73 -22.74
CA PRO D 54 -24.58 -7.88 -23.46
C PRO D 54 -25.19 -6.59 -23.95
N ASN D 55 -26.47 -6.57 -24.24
CA ASN D 55 -27.19 -5.34 -24.56
C ASN D 55 -27.69 -4.63 -23.31
N GLY D 56 -27.32 -5.11 -22.13
CA GLY D 56 -27.75 -4.49 -20.90
C GLY D 56 -26.91 -3.29 -20.52
N PRO D 57 -27.28 -2.66 -19.41
CA PRO D 57 -26.58 -1.43 -19.01
C PRO D 57 -25.19 -1.67 -18.47
N VAL D 58 -24.96 -2.76 -17.73
CA VAL D 58 -23.68 -2.96 -17.08
C VAL D 58 -22.59 -3.27 -18.10
N MET D 59 -22.88 -4.19 -19.02
CA MET D 59 -21.90 -4.52 -20.06
C MET D 59 -21.68 -3.37 -21.03
N GLN D 60 -22.62 -2.43 -21.12
CA GLN D 60 -22.46 -1.24 -21.94
C GLN D 60 -21.93 -0.05 -21.14
N LYS D 61 -21.85 -0.16 -19.82
CA LYS D 61 -21.32 0.88 -18.95
C LYS D 61 -22.10 2.19 -19.10
N ARG D 62 -23.39 2.11 -18.78
CA ARG D 62 -24.30 3.24 -18.85
C ARG D 62 -24.99 3.47 -17.49
N THR D 63 -24.23 3.37 -16.42
CA THR D 63 -24.73 3.54 -15.06
C THR D 63 -24.16 4.80 -14.43
N VAL D 64 -24.86 5.30 -13.42
CA VAL D 64 -24.49 6.57 -12.80
C VAL D 64 -24.67 6.51 -11.28
N GLY D 65 -23.99 5.57 -10.63
CA GLY D 65 -23.96 5.52 -9.19
C GLY D 65 -25.24 5.05 -8.52
N TRP D 66 -25.16 4.66 -7.26
CA TRP D 66 -26.28 4.12 -6.51
C TRP D 66 -26.96 5.22 -5.71
N GLU D 67 -28.28 5.32 -5.83
CA GLU D 67 -29.04 6.25 -5.00
C GLU D 67 -29.05 5.76 -3.55
N ALA D 68 -29.45 6.65 -2.65
CA ALA D 68 -29.42 6.34 -1.22
C ALA D 68 -30.35 5.17 -0.90
N SER D 69 -29.97 4.40 0.10
CA SER D 69 -30.70 3.22 0.53
C SER D 69 -31.08 3.34 2.00
N THR D 70 -31.90 2.40 2.46
CA THR D 70 -32.35 2.33 3.86
C THR D 70 -32.42 0.85 4.23
N GLU D 71 -31.32 0.33 4.78
CA GLU D 71 -31.23 -1.09 5.07
C GLU D 71 -32.07 -1.46 6.29
N LYS D 72 -32.78 -2.59 6.19
CA LYS D 72 -33.58 -3.10 7.29
C LYS D 72 -32.86 -4.25 7.98
N VAL D 79 -25.62 -15.28 11.75
CA VAL D 79 -26.99 -15.45 12.22
C VAL D 79 -27.83 -14.23 11.84
N LEU D 80 -27.29 -13.04 12.10
CA LEU D 80 -27.98 -11.80 11.80
C LEU D 80 -27.70 -11.36 10.37
N LYS D 81 -28.69 -10.72 9.77
CA LYS D 81 -28.61 -10.31 8.37
C LYS D 81 -29.54 -9.13 8.14
N GLY D 82 -29.52 -8.61 6.92
CA GLY D 82 -30.37 -7.48 6.57
C GLY D 82 -30.69 -7.47 5.08
N ASP D 83 -31.76 -6.74 4.74
CA ASP D 83 -32.24 -6.65 3.37
C ASP D 83 -32.63 -5.21 3.06
N VAL D 84 -32.58 -4.88 1.76
CA VAL D 84 -33.13 -3.65 1.18
C VAL D 84 -32.82 -3.65 -0.32
N LYS D 85 -33.77 -3.18 -1.14
CA LYS D 85 -33.54 -3.04 -2.56
C LYS D 85 -32.81 -1.74 -2.86
N MET D 86 -32.01 -1.76 -3.92
CA MET D 86 -31.26 -0.59 -4.37
C MET D 86 -31.46 -0.39 -5.86
N LYS D 87 -31.58 0.86 -6.28
CA LYS D 87 -31.84 1.20 -7.68
C LYS D 87 -30.64 1.98 -8.23
N LEU D 88 -29.82 1.31 -9.02
CA LEU D 88 -28.68 1.94 -9.68
C LEU D 88 -29.18 2.66 -10.92
N LEU D 89 -29.13 3.98 -10.92
CA LEU D 89 -29.64 4.76 -12.03
C LEU D 89 -28.81 4.54 -13.29
N LEU D 90 -29.36 4.94 -14.42
CA LEU D 90 -28.75 4.71 -15.72
C LEU D 90 -28.38 6.03 -16.39
N LYS D 91 -27.40 5.96 -17.29
CA LYS D 91 -26.94 7.13 -18.04
C LYS D 91 -28.02 7.50 -19.05
N GLY D 92 -28.99 8.28 -18.58
CA GLY D 92 -30.11 8.69 -19.41
C GLY D 92 -31.39 8.87 -18.62
N GLY D 93 -31.29 8.74 -17.29
CA GLY D 93 -32.42 8.92 -16.40
C GLY D 93 -33.07 7.64 -15.93
N GLY D 94 -32.93 6.54 -16.68
CA GLY D 94 -33.57 5.30 -16.30
C GLY D 94 -33.02 4.73 -15.01
N HIS D 95 -33.81 3.83 -14.42
CA HIS D 95 -33.46 3.17 -13.17
C HIS D 95 -33.43 1.67 -13.38
N TYR D 96 -32.34 1.05 -12.95
CA TYR D 96 -32.11 -0.39 -13.08
C TYR D 96 -31.92 -0.95 -11.67
N ARG D 97 -33.02 -1.39 -11.08
CA ARG D 97 -33.05 -1.71 -9.66
C ARG D 97 -32.29 -3.01 -9.37
N CYS D 98 -32.06 -3.26 -8.08
CA CYS D 98 -31.40 -4.46 -7.62
C CYS D 98 -31.85 -4.75 -6.19
N ASP D 99 -31.79 -6.03 -5.82
CA ASP D 99 -32.20 -6.48 -4.49
C ASP D 99 -30.98 -6.99 -3.75
N TYR D 100 -30.71 -6.40 -2.59
CA TYR D 100 -29.57 -6.75 -1.77
C TYR D 100 -30.01 -7.59 -0.58
N ARG D 101 -29.30 -8.71 -0.35
CA ARG D 101 -29.61 -9.62 0.76
C ARG D 101 -28.26 -10.09 1.32
N THR D 102 -27.72 -9.33 2.27
CA THR D 102 -26.45 -9.64 2.89
C THR D 102 -26.67 -10.44 4.18
N THR D 103 -25.62 -11.16 4.58
CA THR D 103 -25.63 -11.92 5.84
C THR D 103 -24.27 -11.74 6.50
N TYR D 104 -24.25 -11.03 7.62
CA TYR D 104 -23.02 -10.72 8.34
C TYR D 104 -22.87 -11.65 9.54
N LYS D 105 -21.63 -12.06 9.79
CA LYS D 105 -21.33 -12.93 10.94
C LYS D 105 -19.83 -12.92 11.24
N TYR D 116 -31.51 -5.58 15.92
CA TYR D 116 -31.08 -4.52 15.01
C TYR D 116 -32.23 -3.56 14.73
N HIS D 117 -31.93 -2.50 13.97
CA HIS D 117 -32.95 -1.50 13.65
C HIS D 117 -32.95 -1.18 12.17
N PHE D 118 -32.37 -0.04 11.78
CA PHE D 118 -32.33 0.39 10.40
C PHE D 118 -30.99 1.06 10.12
N VAL D 119 -30.59 1.05 8.85
CA VAL D 119 -29.31 1.60 8.40
C VAL D 119 -29.53 2.32 7.08
N ASP D 120 -28.94 3.52 6.96
CA ASP D 120 -28.92 4.26 5.71
C ASP D 120 -27.58 4.08 5.03
N HIS D 121 -27.60 4.15 3.70
CA HIS D 121 -26.39 3.96 2.90
C HIS D 121 -26.24 5.10 1.90
N ARG D 122 -25.00 5.52 1.69
CA ARG D 122 -24.67 6.57 0.72
C ARG D 122 -23.37 6.18 0.03
N ILE D 123 -23.45 5.95 -1.29
CA ILE D 123 -22.30 5.51 -2.08
C ILE D 123 -22.19 6.41 -3.30
N GLU D 124 -20.99 6.88 -3.59
CA GLU D 124 -20.75 7.72 -4.76
C GLU D 124 -19.28 7.64 -5.15
N ILE D 125 -19.03 7.52 -6.45
CA ILE D 125 -17.67 7.55 -6.97
C ILE D 125 -17.23 9.00 -7.06
N LEU D 126 -16.10 9.32 -6.44
CA LEU D 126 -15.58 10.69 -6.46
C LEU D 126 -14.62 10.94 -7.61
N SER D 127 -13.93 9.90 -8.10
CA SER D 127 -12.96 10.05 -9.16
C SER D 127 -12.81 8.75 -9.91
N HIS D 128 -12.36 8.85 -11.16
CA HIS D 128 -12.07 7.69 -11.99
C HIS D 128 -11.31 8.15 -13.22
N ASP D 129 -10.57 7.21 -13.82
CA ASP D 129 -9.83 7.48 -15.05
C ASP D 129 -10.77 7.38 -16.25
N LYS D 130 -10.19 7.14 -17.43
CA LYS D 130 -11.01 6.86 -18.61
C LYS D 130 -11.52 5.42 -18.62
N ASP D 131 -10.91 4.53 -17.84
CA ASP D 131 -11.34 3.14 -17.73
C ASP D 131 -11.56 2.72 -16.29
N TYR D 132 -11.72 3.68 -15.38
CA TYR D 132 -12.02 3.42 -13.97
C TYR D 132 -10.93 2.56 -13.32
N ASN D 133 -9.68 2.82 -13.69
CA ASN D 133 -8.56 2.11 -13.07
C ASN D 133 -8.31 2.61 -11.66
N LYS D 134 -7.98 3.89 -11.53
CA LYS D 134 -7.90 4.53 -10.23
C LYS D 134 -9.24 5.17 -9.91
N VAL D 135 -9.78 4.84 -8.73
CA VAL D 135 -11.14 5.25 -8.35
C VAL D 135 -11.11 5.76 -6.92
N LYS D 136 -11.71 6.93 -6.70
CA LYS D 136 -11.90 7.47 -5.36
C LYS D 136 -13.32 7.17 -4.92
N LEU D 137 -13.45 6.50 -3.78
CA LEU D 137 -14.74 6.00 -3.30
C LEU D 137 -15.11 6.68 -1.98
N TYR D 138 -16.41 6.92 -1.81
CA TYR D 138 -16.95 7.48 -0.58
C TYR D 138 -18.06 6.56 -0.06
N GLU D 139 -17.98 6.21 1.21
CA GLU D 139 -18.97 5.34 1.85
C GLU D 139 -19.52 6.02 3.09
N HIS D 140 -20.82 5.87 3.31
CA HIS D 140 -21.50 6.46 4.46
C HIS D 140 -22.51 5.46 4.99
N ALA D 141 -22.37 5.09 6.27
CA ALA D 141 -23.26 4.14 6.92
C ALA D 141 -23.66 4.70 8.28
N VAL D 142 -24.91 5.11 8.41
CA VAL D 142 -25.42 5.65 9.66
C VAL D 142 -25.80 4.51 10.60
N PRO D 175 -11.06 4.95 16.70
CA PRO D 175 -10.94 6.34 16.26
C PRO D 175 -10.74 6.47 14.75
N ASP D 176 -9.48 6.45 14.31
CA ASP D 176 -9.14 6.56 12.90
C ASP D 176 -8.08 5.51 12.57
N MET D 177 -8.38 4.64 11.60
CA MET D 177 -7.47 3.60 11.15
C MET D 177 -7.43 3.59 9.63
N LYS D 178 -6.47 2.85 9.08
CA LYS D 178 -6.32 2.69 7.65
C LYS D 178 -6.94 1.37 7.21
N ASN D 179 -7.48 1.38 5.99
CA ASN D 179 -8.22 0.23 5.46
C ASN D 179 -7.56 -0.26 4.19
N LYS D 180 -7.13 -1.52 4.19
CA LYS D 180 -6.68 -2.22 3.00
C LYS D 180 -7.78 -3.17 2.54
N LEU D 181 -7.81 -3.44 1.22
CA LEU D 181 -8.91 -4.19 0.66
C LEU D 181 -8.52 -4.73 -0.71
N ARG D 182 -8.76 -6.02 -0.93
CA ARG D 182 -8.54 -6.66 -2.21
C ARG D 182 -9.75 -7.50 -2.58
N MET D 183 -10.09 -7.52 -3.85
CA MET D 183 -11.24 -8.27 -4.34
C MET D 183 -10.84 -9.18 -5.49
N GLU D 184 -11.11 -10.48 -5.34
CA GLU D 184 -10.90 -11.46 -6.40
C GLU D 184 -12.26 -11.73 -7.06
N GLY D 185 -12.40 -11.26 -8.29
CA GLY D 185 -13.70 -11.15 -8.92
C GLY D 185 -13.68 -11.64 -10.35
N ASN D 186 -14.88 -11.95 -10.87
CA ASN D 186 -15.05 -12.40 -12.25
C ASN D 186 -16.50 -12.11 -12.63
N VAL D 187 -16.70 -11.32 -13.68
CA VAL D 187 -18.03 -10.93 -14.11
C VAL D 187 -18.18 -11.24 -15.60
N ASN D 188 -19.14 -12.10 -15.93
CA ASN D 188 -19.41 -12.51 -17.32
C ASN D 188 -18.16 -13.08 -17.98
N GLY D 189 -17.43 -13.92 -17.23
CA GLY D 189 -16.22 -14.55 -17.74
C GLY D 189 -14.98 -13.68 -17.70
N HIS D 190 -15.12 -12.38 -17.47
CA HIS D 190 -13.97 -11.47 -17.44
C HIS D 190 -13.49 -11.36 -15.99
N ALA D 191 -12.38 -12.02 -15.68
CA ALA D 191 -11.82 -11.97 -14.34
C ALA D 191 -11.01 -10.68 -14.16
N PHE D 192 -10.90 -10.23 -12.91
CA PHE D 192 -10.20 -8.97 -12.66
C PHE D 192 -9.50 -9.04 -11.31
N VAL D 193 -8.70 -8.02 -11.04
CA VAL D 193 -7.95 -7.92 -9.79
C VAL D 193 -7.81 -6.45 -9.40
N ILE D 194 -8.17 -6.15 -8.16
CA ILE D 194 -8.09 -4.80 -7.61
C ILE D 194 -7.69 -4.91 -6.14
N GLU D 195 -6.72 -4.07 -5.73
CA GLU D 195 -6.30 -4.01 -4.34
C GLU D 195 -5.91 -2.57 -4.03
N GLY D 196 -6.69 -1.90 -3.18
CA GLY D 196 -6.40 -0.52 -2.85
C GLY D 196 -6.23 -0.27 -1.36
N GLU D 197 -6.10 1.00 -0.97
CA GLU D 197 -5.94 1.38 0.42
C GLU D 197 -6.81 2.61 0.69
N GLY D 198 -7.30 2.71 1.92
CA GLY D 198 -8.17 3.81 2.28
C GLY D 198 -8.15 4.10 3.77
N SER D 199 -8.77 5.22 4.12
CA SER D 199 -8.88 5.66 5.50
C SER D 199 -10.34 5.76 5.90
N GLY D 200 -10.59 5.70 7.22
CA GLY D 200 -11.94 5.77 7.72
C GLY D 200 -11.95 6.18 9.18
N LYS D 201 -13.16 6.48 9.66
CA LYS D 201 -13.34 6.89 11.05
C LYS D 201 -14.39 6.03 11.74
N GLY D 205 -18.45 5.59 10.62
CA GLY D 205 -19.41 5.30 9.58
C GLY D 205 -19.04 5.90 8.23
N ILE D 206 -18.00 6.73 8.22
CA ILE D 206 -17.53 7.40 7.01
C ILE D 206 -16.19 6.82 6.62
N GLN D 207 -16.01 6.60 5.31
CA GLN D 207 -14.84 5.90 4.80
C GLN D 207 -14.51 6.44 3.40
N THR D 208 -13.23 6.53 3.09
CA THR D 208 -12.78 6.84 1.74
C THR D 208 -11.65 5.89 1.38
N ILE D 209 -11.60 5.48 0.12
CA ILE D 209 -10.60 4.53 -0.34
C ILE D 209 -10.26 4.81 -1.79
N ASP D 210 -9.00 4.55 -2.15
CA ASP D 210 -8.53 4.62 -3.52
C ASP D 210 -8.19 3.21 -3.99
N LEU D 211 -8.77 2.82 -5.12
CA LEU D 211 -8.61 1.47 -5.65
C LEU D 211 -7.57 1.43 -6.76
N GLU D 212 -7.03 0.23 -6.99
CA GLU D 212 -5.96 0.02 -7.96
C GLU D 212 -6.23 -1.27 -8.71
N VAL D 213 -6.79 -1.16 -9.91
CA VAL D 213 -6.97 -2.32 -10.78
C VAL D 213 -5.59 -2.81 -11.23
N LYS D 214 -5.31 -4.09 -10.99
CA LYS D 214 -4.00 -4.65 -11.33
C LYS D 214 -4.01 -5.54 -12.57
N GLU D 215 -5.05 -6.36 -12.77
CA GLU D 215 -5.20 -7.07 -14.03
C GLU D 215 -6.68 -7.20 -14.37
N GLY D 216 -6.94 -7.49 -15.63
CA GLY D 216 -8.29 -7.44 -16.18
C GLY D 216 -8.66 -6.10 -16.77
N ALA D 217 -7.79 -5.10 -16.69
CA ALA D 217 -8.06 -3.78 -17.23
C ALA D 217 -7.93 -3.78 -18.75
N PRO D 218 -8.81 -3.06 -19.45
CA PRO D 218 -9.92 -2.29 -18.87
C PRO D 218 -11.15 -3.16 -18.57
N LEU D 219 -11.91 -2.76 -17.56
CA LEU D 219 -13.10 -3.52 -17.18
C LEU D 219 -14.17 -3.38 -18.26
N PRO D 220 -14.67 -4.48 -18.81
CA PRO D 220 -15.71 -4.37 -19.84
C PRO D 220 -17.11 -4.30 -19.24
N PHE D 221 -17.22 -3.74 -18.03
CA PHE D 221 -18.51 -3.62 -17.36
C PHE D 221 -18.52 -2.36 -16.51
N ALA D 222 -19.72 -1.95 -16.13
CA ALA D 222 -19.88 -0.75 -15.32
C ALA D 222 -19.24 -0.95 -13.95
N TYR D 223 -18.40 0.00 -13.55
CA TYR D 223 -17.66 -0.12 -12.29
C TYR D 223 -18.58 -0.17 -11.08
N ASP D 224 -19.81 0.35 -11.19
CA ASP D 224 -20.71 0.44 -10.05
C ASP D 224 -21.15 -0.91 -9.50
N ILE D 225 -20.79 -2.02 -10.15
CA ILE D 225 -21.19 -3.32 -9.64
C ILE D 225 -20.41 -3.68 -8.40
N LEU D 226 -19.20 -3.14 -8.24
CA LEU D 226 -18.28 -3.58 -7.19
C LEU D 226 -18.25 -2.66 -5.98
N THR D 227 -18.67 -1.40 -6.13
CA THR D 227 -18.51 -0.43 -5.05
C THR D 227 -19.31 -0.80 -3.80
N THR D 228 -20.32 -1.67 -3.93
CA THR D 228 -21.07 -2.11 -2.77
C THR D 228 -20.33 -3.16 -1.95
N ALA D 229 -19.27 -3.74 -2.49
CA ALA D 229 -18.46 -4.68 -1.74
C ALA D 229 -17.11 -4.04 -1.41
N NFA D 230 -17.15 -2.78 -0.98
CA NFA D 230 -15.93 -2.06 -0.69
C NFA D 230 -16.03 -1.34 0.66
O NFA D 230 -16.56 -0.28 0.73
CB NFA D 230 -15.65 -1.03 -1.80
CG NFA D 230 -14.90 -1.70 -2.95
CD1 NFA D 230 -15.15 -1.30 -4.25
CD2 NFA D 230 -13.97 -2.69 -2.68
CE1 NFA D 230 -14.47 -1.90 -5.29
CE2 NFA D 230 -13.29 -3.29 -3.72
CZ NFA D 230 -13.53 -2.89 -5.02
NXT NFA D 230 -15.47 -1.95 1.85
NA NA E . 5.97 14.01 -4.51
#